data_5J5J
#
_entry.id   5J5J
#
_cell.length_a   63.494
_cell.length_b   87.489
_cell.length_c   218.536
_cell.angle_alpha   90.00
_cell.angle_beta   90.00
_cell.angle_gamma   90.00
#
_symmetry.space_group_name_H-M   'P 2 21 21'
#
loop_
_entity.id
_entity.type
_entity.pdbx_description
1 polymer Desmocollin-2,Desmoglein-2
2 branched beta-D-galactopyranose-(1-4)-2-acetamido-2-deoxy-beta-D-glucopyranose-(1-3)-alpha-D-mannopyranose-(1-6)-[2-acetamido-2-deoxy-beta-D-glucopyranose-(1-2)-alpha-D-mannopyranose-(1-3)]beta-D-mannopyranose-(1-4)-2-acetamido-2-deoxy-beta-D-glucopyranose-(1-4)-2-acetamido-2-deoxy-beta-D-glucopyranose
3 branched alpha-D-mannopyranose-(1-3)-[alpha-D-mannopyranose-(1-6)]beta-D-mannopyranose-(1-4)-2-acetamido-2-deoxy-beta-D-glucopyranose-(1-4)-[alpha-L-fucopyranose-(1-6)]2-acetamido-2-deoxy-beta-D-glucopyranose
4 branched 2-acetamido-2-deoxy-beta-D-glucopyranose-(1-4)-2-acetamido-2-deoxy-beta-D-glucopyranose
5 non-polymer alpha-D-mannopyranose
6 non-polymer 2-acetamido-2-deoxy-beta-D-glucopyranose
7 non-polymer 'CALCIUM ION'
8 non-polymer 'CHLORIDE ION'
9 water water
#
_entity_poly.entity_id   1
_entity_poly.type   'polypeptide(L)'
_entity_poly.pdbx_seq_one_letter_code
;RWAPIPCSMLENSLGPFPLFLQQVQSDTAQNYTIYYSIRGPGVDQEPRNLFYVERDTGNLYCTRPVDREQYESFEIIAFA
TTPDGYTPELPLPLIIKIEDINDNEPVFTQDVFVGSVEELSAAHTLVMKINATDADEPNTLNSKISYRIVSLEPAYPPVF
YLNKDTGEIYTTSVTLDREEHSSYTLTVEARDGNGEVTDKPVKQAQVQIRILDVNDNIPVVENKVLEGMVEENQVNVEVT
RIKVFDADEIGSDNWLANFTFASGNEGGYFHIETDAQTNEGIVTLIKEVDYEEMKNLDFSVIVANKAAFHKSIRSKYKPT
PIPIKVKVKNVKEGIHFKSSVISIYVSESMDRSSKGQIIGNFQAFDEDTGLPAHARYVKLEDRDNWISVDSVTSEIKLAK
LPDFESRYVQNGTYTVKIVAISEDYPRKTITGTVLINVEDINDNCPTLIEPVQTICHDAEYVNVTAEDLDGHPNSGPFSF
SVIDKPPGMAEKWKIARQESTSVLLQQSEKKLGRSEIQFLISDNQGFSCPEKQVLTLTVCECLHGSGCREAHHHHHH
;
_entity_poly.pdbx_strand_id   A
#
loop_
_chem_comp.id
_chem_comp.type
_chem_comp.name
_chem_comp.formula
BMA D-saccharide, beta linking beta-D-mannopyranose 'C6 H12 O6'
CA non-polymer 'CALCIUM ION' 'Ca 2'
CL non-polymer 'CHLORIDE ION' 'Cl -1'
FUC L-saccharide, alpha linking alpha-L-fucopyranose 'C6 H12 O5'
GAL D-saccharide, beta linking beta-D-galactopyranose 'C6 H12 O6'
MAN D-saccharide, alpha linking alpha-D-mannopyranose 'C6 H12 O6'
NAG D-saccharide, beta linking 2-acetamido-2-deoxy-beta-D-glucopyranose 'C8 H15 N O6'
#
# COMPACT_ATOMS: atom_id res chain seq x y z
N ARG A 1 56.44 -30.50 -44.48
CA ARG A 1 57.38 -29.99 -45.50
C ARG A 1 58.05 -28.71 -45.00
N TRP A 2 58.36 -27.81 -45.92
CA TRP A 2 58.93 -26.51 -45.57
C TRP A 2 58.19 -25.35 -46.21
N ALA A 3 57.97 -24.30 -45.42
CA ALA A 3 57.26 -23.11 -45.89
C ALA A 3 58.16 -22.29 -46.81
N PRO A 4 57.55 -21.44 -47.65
CA PRO A 4 58.38 -20.61 -48.54
C PRO A 4 58.64 -19.23 -47.93
N ILE A 5 59.75 -18.62 -48.30
CA ILE A 5 60.12 -17.30 -47.82
C ILE A 5 59.49 -16.22 -48.69
N PRO A 6 58.54 -15.45 -48.14
CA PRO A 6 57.98 -14.40 -48.99
C PRO A 6 58.67 -13.05 -48.81
N CYS A 7 58.99 -12.41 -49.92
CA CYS A 7 59.60 -11.07 -49.89
C CYS A 7 58.72 -10.11 -49.09
N SER A 8 59.35 -9.31 -48.25
CA SER A 8 58.63 -8.38 -47.40
C SER A 8 58.58 -6.99 -48.03
N MET A 9 57.40 -6.58 -48.48
CA MET A 9 57.23 -5.27 -49.10
C MET A 9 56.62 -4.29 -48.10
N LEU A 10 57.13 -3.06 -48.12
CA LEU A 10 56.66 -2.02 -47.21
C LEU A 10 55.51 -1.24 -47.84
N GLU A 11 54.31 -1.38 -47.27
CA GLU A 11 53.12 -0.67 -47.74
C GLU A 11 53.39 0.82 -47.95
N ASN A 12 52.64 1.43 -48.87
CA ASN A 12 52.79 2.84 -49.18
C ASN A 12 54.23 3.17 -49.57
N SER A 13 54.75 2.43 -50.54
CA SER A 13 56.14 2.59 -50.96
C SER A 13 56.37 3.98 -51.53
N LEU A 14 56.99 4.83 -50.71
CA LEU A 14 57.42 6.16 -51.12
C LEU A 14 58.12 6.09 -52.47
N GLY A 15 59.11 5.21 -52.56
CA GLY A 15 59.88 5.00 -53.78
C GLY A 15 61.34 4.80 -53.45
N PRO A 16 62.23 4.98 -54.43
CA PRO A 16 61.92 5.33 -55.83
C PRO A 16 61.46 4.13 -56.66
N PHE A 17 60.62 4.39 -57.66
CA PHE A 17 60.17 3.35 -58.58
C PHE A 17 60.95 3.42 -59.89
N PRO A 18 61.07 2.29 -60.61
CA PRO A 18 60.52 0.97 -60.26
C PRO A 18 61.29 0.29 -59.12
N LEU A 19 60.57 -0.14 -58.10
CA LEU A 19 61.17 -0.66 -56.87
C LEU A 19 61.69 -2.09 -57.02
N PHE A 20 62.93 -2.31 -56.60
CA PHE A 20 63.56 -3.62 -56.63
C PHE A 20 63.03 -4.52 -55.52
N LEU A 21 62.26 -5.54 -55.88
CA LEU A 21 61.76 -6.49 -54.89
C LEU A 21 62.82 -7.55 -54.58
N GLN A 22 63.23 -8.31 -55.60
CA GLN A 22 64.24 -9.35 -55.41
C GLN A 22 64.77 -9.93 -56.73
N GLN A 23 65.38 -11.12 -56.67
CA GLN A 23 65.99 -11.74 -57.84
C GLN A 23 65.89 -13.26 -57.78
N VAL A 24 65.09 -13.84 -58.68
CA VAL A 24 64.98 -15.29 -58.81
C VAL A 24 65.92 -15.79 -59.92
N GLN A 25 66.52 -16.96 -59.71
CA GLN A 25 67.50 -17.52 -60.65
C GLN A 25 67.44 -19.04 -60.69
N SER A 26 67.68 -19.61 -61.87
CA SER A 26 67.73 -21.07 -62.03
C SER A 26 69.16 -21.55 -62.23
N ASP A 27 69.47 -22.74 -61.74
CA ASP A 27 70.82 -23.29 -61.85
C ASP A 27 70.99 -23.99 -63.19
N THR A 28 69.88 -24.48 -63.74
CA THR A 28 69.90 -25.12 -65.05
C THR A 28 69.95 -24.05 -66.14
N ALA A 29 70.71 -22.99 -65.87
CA ALA A 29 70.73 -21.80 -66.71
C ALA A 29 72.03 -21.67 -67.48
N GLN A 30 73.03 -22.48 -67.10
CA GLN A 30 74.32 -22.45 -67.80
C GLN A 30 74.29 -23.38 -69.00
N ASN A 31 73.63 -24.54 -68.84
CA ASN A 31 73.37 -25.42 -69.97
C ASN A 31 72.60 -24.69 -71.05
N TYR A 32 71.36 -24.35 -70.72
CA TYR A 32 70.43 -23.72 -71.66
C TYR A 32 70.63 -22.19 -71.64
N THR A 33 69.66 -21.46 -72.19
CA THR A 33 69.73 -20.00 -72.27
C THR A 33 68.39 -19.40 -71.83
N ILE A 34 68.15 -19.41 -70.52
CA ILE A 34 66.82 -19.13 -69.98
C ILE A 34 66.47 -17.64 -69.88
N TYR A 35 65.27 -17.28 -70.36
CA TYR A 35 64.71 -15.93 -70.21
C TYR A 35 64.00 -15.83 -68.84
N TYR A 36 63.23 -14.77 -68.61
CA TYR A 36 62.48 -14.65 -67.35
C TYR A 36 61.14 -13.95 -67.52
N SER A 37 60.18 -14.33 -66.68
CA SER A 37 58.83 -13.79 -66.75
C SER A 37 58.09 -14.17 -65.47
N ILE A 38 56.94 -13.55 -65.23
CA ILE A 38 56.21 -13.75 -63.98
C ILE A 38 54.70 -13.77 -64.24
N ARG A 39 53.96 -14.50 -63.42
CA ARG A 39 52.51 -14.65 -63.63
C ARG A 39 51.76 -15.08 -62.37
N GLY A 40 50.66 -14.37 -62.09
CA GLY A 40 49.81 -14.65 -60.96
C GLY A 40 49.00 -13.42 -60.59
N PRO A 41 48.16 -13.51 -59.54
CA PRO A 41 47.44 -12.31 -59.10
C PRO A 41 48.37 -11.20 -58.64
N GLY A 42 48.72 -10.32 -59.57
CA GLY A 42 49.66 -9.25 -59.30
C GLY A 42 50.45 -8.84 -60.53
N VAL A 43 50.24 -9.54 -61.64
CA VAL A 43 50.94 -9.22 -62.89
C VAL A 43 50.05 -9.45 -64.11
N ASP A 44 49.37 -10.59 -64.17
CA ASP A 44 48.53 -10.93 -65.33
C ASP A 44 47.04 -10.92 -64.99
N GLN A 45 46.71 -11.05 -63.71
CA GLN A 45 45.33 -10.89 -63.24
C GLN A 45 45.29 -9.92 -62.06
N GLU A 46 44.12 -9.81 -61.42
CA GLU A 46 43.83 -8.77 -60.43
C GLU A 46 44.92 -8.45 -59.40
N PRO A 47 45.56 -7.27 -59.49
CA PRO A 47 45.63 -6.29 -60.58
C PRO A 47 46.94 -6.44 -61.33
N ARG A 48 47.11 -5.70 -62.42
CA ARG A 48 48.30 -5.83 -63.27
C ARG A 48 49.26 -4.66 -63.07
N ASN A 49 50.51 -4.85 -63.48
CA ASN A 49 51.56 -3.82 -63.41
C ASN A 49 51.99 -3.48 -61.99
N LEU A 50 51.79 -4.39 -61.05
CA LEU A 50 52.39 -4.25 -59.72
C LEU A 50 53.87 -4.60 -59.85
N PHE A 51 54.13 -5.81 -60.33
CA PHE A 51 55.49 -6.32 -60.45
C PHE A 51 55.77 -6.85 -61.86
N TYR A 52 57.05 -7.01 -62.17
CA TYR A 52 57.48 -7.53 -63.46
C TYR A 52 58.96 -7.89 -63.37
N VAL A 53 59.37 -8.91 -64.12
CA VAL A 53 60.75 -9.37 -64.07
C VAL A 53 61.47 -9.09 -65.39
N GLU A 54 62.71 -8.61 -65.30
CA GLU A 54 63.54 -8.43 -66.49
C GLU A 54 63.81 -9.80 -67.10
N ARG A 55 63.62 -9.90 -68.42
CA ARG A 55 63.57 -11.20 -69.08
C ARG A 55 64.91 -11.96 -69.13
N ASP A 56 65.91 -11.50 -68.38
CA ASP A 56 67.22 -12.16 -68.42
C ASP A 56 67.95 -12.19 -67.08
N THR A 57 67.90 -11.08 -66.33
CA THR A 57 68.60 -11.00 -65.05
C THR A 57 67.83 -11.70 -63.93
N GLY A 58 66.52 -11.83 -64.12
CA GLY A 58 65.66 -12.46 -63.13
C GLY A 58 65.28 -11.52 -62.00
N ASN A 59 65.59 -10.24 -62.16
CA ASN A 59 65.29 -9.23 -61.15
C ASN A 59 63.84 -8.80 -61.18
N LEU A 60 63.12 -9.03 -60.08
CA LEU A 60 61.72 -8.64 -59.97
C LEU A 60 61.59 -7.20 -59.44
N TYR A 61 60.95 -6.35 -60.22
CA TYR A 61 60.74 -4.95 -59.85
C TYR A 61 59.31 -4.71 -59.36
N CYS A 62 59.02 -3.48 -58.96
CA CYS A 62 57.66 -3.05 -58.66
C CYS A 62 57.46 -1.65 -59.21
N THR A 63 56.23 -1.30 -59.58
CA THR A 63 55.96 -0.05 -60.31
C THR A 63 54.79 0.75 -59.73
N ARG A 64 54.07 0.17 -58.77
CA ARG A 64 52.97 0.89 -58.11
C ARG A 64 52.89 0.54 -56.63
N PRO A 65 52.63 1.55 -55.78
CA PRO A 65 52.50 1.24 -54.34
C PRO A 65 51.15 0.58 -54.03
N VAL A 66 50.95 0.21 -52.77
CA VAL A 66 49.74 -0.51 -52.38
C VAL A 66 49.42 -0.32 -50.91
N ASP A 67 48.14 -0.49 -50.55
CA ASP A 67 47.67 -0.43 -49.18
C ASP A 67 47.50 -1.83 -48.62
N ARG A 68 48.22 -2.12 -47.54
CA ARG A 68 48.13 -3.41 -46.86
C ARG A 68 46.74 -3.68 -46.30
N GLU A 69 45.97 -2.63 -46.04
CA GLU A 69 44.58 -2.78 -45.59
C GLU A 69 43.66 -3.09 -46.78
N GLN A 70 44.20 -3.76 -47.78
CA GLN A 70 43.45 -4.18 -48.95
C GLN A 70 44.02 -5.50 -49.46
N TYR A 71 45.35 -5.54 -49.49
CA TYR A 71 46.09 -6.69 -49.99
C TYR A 71 47.05 -7.18 -48.92
N GLU A 72 46.53 -8.02 -48.03
CA GLU A 72 47.33 -8.67 -46.99
C GLU A 72 48.56 -9.39 -47.57
N SER A 73 48.32 -10.48 -48.28
CA SER A 73 49.39 -11.25 -48.93
C SER A 73 49.19 -11.27 -50.45
N PHE A 74 49.95 -12.13 -51.11
CA PHE A 74 49.94 -12.24 -52.58
C PHE A 74 50.65 -13.53 -52.98
N GLU A 75 49.94 -14.46 -53.60
CA GLU A 75 50.55 -15.70 -54.07
C GLU A 75 50.72 -15.72 -55.59
N ILE A 76 51.97 -15.67 -56.03
CA ILE A 76 52.34 -15.66 -57.45
C ILE A 76 53.19 -16.90 -57.74
N ILE A 77 53.39 -17.22 -59.01
CA ILE A 77 54.23 -18.36 -59.40
C ILE A 77 55.31 -17.91 -60.39
N ALA A 78 56.49 -18.50 -60.27
CA ALA A 78 57.67 -18.07 -61.04
C ALA A 78 58.04 -19.05 -62.14
N PHE A 79 57.83 -18.64 -63.40
CA PHE A 79 58.23 -19.44 -64.56
C PHE A 79 59.15 -18.62 -65.44
N ALA A 80 60.25 -19.22 -65.83
CA ALA A 80 61.27 -18.53 -66.58
C ALA A 80 62.05 -19.52 -67.45
N THR A 81 61.87 -19.42 -68.76
CA THR A 81 62.48 -20.37 -69.69
C THR A 81 63.00 -19.68 -70.93
N THR A 82 63.86 -20.39 -71.66
CA THR A 82 64.51 -19.86 -72.86
C THR A 82 63.47 -19.51 -73.94
N PRO A 83 63.92 -19.01 -75.11
CA PRO A 83 62.94 -18.76 -76.17
C PRO A 83 62.68 -19.99 -77.04
N ASP A 84 62.86 -21.18 -76.47
CA ASP A 84 62.71 -22.43 -77.22
C ASP A 84 61.40 -23.16 -76.85
N GLY A 85 61.15 -23.32 -75.55
CA GLY A 85 59.98 -24.03 -75.08
C GLY A 85 60.36 -25.10 -74.06
N TYR A 86 60.19 -24.77 -72.79
CA TYR A 86 60.72 -25.59 -71.70
C TYR A 86 59.61 -26.19 -70.84
N THR A 87 59.51 -27.51 -70.81
CA THR A 87 58.34 -28.18 -70.24
C THR A 87 58.44 -28.69 -68.79
N PRO A 88 59.58 -29.26 -68.36
CA PRO A 88 59.51 -29.94 -67.05
C PRO A 88 60.02 -29.14 -65.82
N GLU A 89 59.96 -27.81 -65.85
CA GLU A 89 60.56 -27.00 -64.78
C GLU A 89 59.59 -26.62 -63.64
N LEU A 90 59.70 -27.30 -62.50
CA LEU A 90 58.85 -27.02 -61.34
C LEU A 90 58.89 -25.54 -60.95
N PRO A 91 57.75 -24.83 -61.05
CA PRO A 91 57.78 -23.43 -60.64
C PRO A 91 57.45 -23.29 -59.15
N LEU A 92 58.36 -22.69 -58.41
CA LEU A 92 58.20 -22.50 -56.97
C LEU A 92 57.10 -21.49 -56.70
N PRO A 93 56.23 -21.77 -55.72
CA PRO A 93 55.21 -20.75 -55.47
C PRO A 93 55.75 -19.67 -54.56
N LEU A 94 56.28 -18.60 -55.15
CA LEU A 94 56.75 -17.48 -54.38
C LEU A 94 55.54 -16.75 -53.83
N ILE A 95 55.67 -16.19 -52.65
CA ILE A 95 54.59 -15.43 -52.02
C ILE A 95 55.19 -14.09 -51.61
N ILE A 96 54.38 -13.05 -51.52
CA ILE A 96 54.90 -11.71 -51.18
C ILE A 96 53.95 -11.03 -50.19
N LYS A 97 54.43 -10.84 -48.97
CA LYS A 97 53.63 -10.27 -47.89
C LYS A 97 53.92 -8.77 -47.76
N ILE A 98 52.86 -7.98 -47.74
CA ILE A 98 53.00 -6.53 -47.53
C ILE A 98 52.96 -6.25 -46.04
N GLU A 99 54.06 -5.71 -45.52
CA GLU A 99 54.16 -5.38 -44.11
C GLU A 99 53.16 -4.29 -43.75
N ASP A 100 52.75 -4.23 -42.49
CA ASP A 100 51.81 -3.19 -42.06
C ASP A 100 52.58 -2.01 -41.48
N ILE A 101 51.91 -0.86 -41.50
CA ILE A 101 52.42 0.36 -40.88
C ILE A 101 51.25 1.18 -40.36
N ASN A 102 51.44 1.80 -39.19
CA ASN A 102 50.38 2.60 -38.58
C ASN A 102 50.02 3.80 -39.44
N ASP A 103 49.04 3.60 -40.30
CA ASP A 103 48.58 4.63 -41.24
C ASP A 103 47.14 5.03 -40.98
N ASN A 104 46.59 4.55 -39.85
CA ASN A 104 45.24 4.91 -39.45
C ASN A 104 45.14 4.95 -37.92
N GLU A 105 44.54 6.02 -37.41
CA GLU A 105 44.43 6.23 -35.98
C GLU A 105 43.20 5.51 -35.44
N PRO A 106 43.20 5.17 -34.14
CA PRO A 106 42.05 4.51 -33.54
C PRO A 106 40.83 5.43 -33.53
N VAL A 107 39.65 4.85 -33.67
CA VAL A 107 38.41 5.63 -33.72
C VAL A 107 37.33 5.00 -32.85
N PHE A 108 36.57 5.87 -32.16
CA PHE A 108 35.53 5.40 -31.24
C PHE A 108 34.28 4.95 -31.98
N THR A 109 33.67 3.88 -31.49
CA THR A 109 32.43 3.37 -32.07
C THR A 109 31.28 4.36 -31.85
N GLN A 110 31.49 5.32 -30.96
CA GLN A 110 30.51 6.36 -30.69
C GLN A 110 31.23 7.67 -30.39
N ASP A 111 30.60 8.78 -30.75
CA ASP A 111 31.14 10.10 -30.41
C ASP A 111 30.81 10.43 -28.96
N VAL A 112 29.83 9.74 -28.40
CA VAL A 112 29.46 9.92 -27.00
C VAL A 112 28.99 8.60 -26.37
N PHE A 113 29.59 8.27 -25.23
CA PHE A 113 29.16 7.13 -24.43
C PHE A 113 28.37 7.61 -23.23
N VAL A 114 27.52 6.76 -22.67
CA VAL A 114 26.74 7.11 -21.49
C VAL A 114 26.65 5.93 -20.53
N GLY A 115 26.87 6.21 -19.25
CA GLY A 115 26.84 5.18 -18.23
C GLY A 115 26.24 5.71 -16.95
N SER A 116 26.05 4.82 -15.98
CA SER A 116 25.42 5.19 -14.73
C SER A 116 25.87 4.29 -13.59
N VAL A 117 26.01 4.88 -12.41
CA VAL A 117 26.44 4.13 -11.23
C VAL A 117 25.82 4.66 -9.95
N GLU A 118 25.54 3.74 -9.04
CA GLU A 118 24.90 4.07 -7.78
C GLU A 118 25.85 4.87 -6.88
N GLU A 119 25.27 5.72 -6.05
CA GLU A 119 26.02 6.46 -5.05
C GLU A 119 26.58 5.49 -4.02
N LEU A 120 27.63 5.89 -3.31
CA LEU A 120 28.22 5.09 -2.25
C LEU A 120 28.67 3.71 -2.75
N SER A 121 29.03 3.62 -4.03
CA SER A 121 29.46 2.36 -4.62
C SER A 121 30.79 1.91 -4.05
N ALA A 122 30.92 0.61 -3.79
CA ALA A 122 32.17 0.03 -3.35
C ALA A 122 33.25 0.28 -4.41
N ALA A 123 34.50 0.32 -3.98
CA ALA A 123 35.60 0.63 -4.88
C ALA A 123 35.75 -0.43 -5.97
N HIS A 124 36.30 0.00 -7.10
CA HIS A 124 36.52 -0.86 -8.26
C HIS A 124 35.26 -1.62 -8.66
N THR A 125 34.16 -0.86 -8.72
CA THR A 125 32.90 -1.36 -9.27
C THR A 125 32.78 -0.88 -10.72
N LEU A 126 32.43 -1.79 -11.62
CA LEU A 126 32.42 -1.46 -13.05
C LEU A 126 31.28 -0.52 -13.41
N VAL A 127 31.64 0.63 -13.96
CA VAL A 127 30.68 1.63 -14.42
C VAL A 127 30.13 1.26 -15.79
N MET A 128 31.02 1.25 -16.77
CA MET A 128 30.67 1.05 -18.17
C MET A 128 31.90 0.58 -18.92
N LYS A 129 31.83 0.58 -20.24
CA LYS A 129 32.99 0.27 -21.07
C LYS A 129 32.96 1.04 -22.38
N ILE A 130 34.01 1.84 -22.60
CA ILE A 130 34.22 2.48 -23.89
C ILE A 130 35.03 1.56 -24.77
N ASN A 131 35.08 1.87 -26.06
CA ASN A 131 35.70 0.96 -27.00
C ASN A 131 36.00 1.65 -28.32
N ALA A 132 37.10 1.25 -28.96
CA ALA A 132 37.52 1.85 -30.21
C ALA A 132 38.17 0.79 -31.10
N THR A 133 38.51 1.16 -32.33
CA THR A 133 39.01 0.20 -33.31
C THR A 133 40.20 0.73 -34.11
N ASP A 134 41.12 -0.18 -34.45
CA ASP A 134 42.31 0.14 -35.24
C ASP A 134 42.44 -0.86 -36.38
N ALA A 135 42.37 -0.36 -37.62
CA ALA A 135 42.29 -1.23 -38.80
C ALA A 135 43.64 -1.83 -39.20
N ASP A 136 44.68 -1.56 -38.40
CA ASP A 136 46.01 -2.08 -38.69
C ASP A 136 46.13 -3.57 -38.38
N GLU A 137 47.35 -4.08 -38.53
CA GLU A 137 47.65 -5.46 -38.19
C GLU A 137 47.39 -5.72 -36.70
N PRO A 138 46.53 -6.71 -36.39
CA PRO A 138 46.28 -7.02 -34.97
C PRO A 138 47.49 -7.64 -34.27
N ASN A 139 47.49 -7.59 -32.94
CA ASN A 139 48.58 -8.12 -32.13
C ASN A 139 49.92 -7.48 -32.48
N THR A 140 49.86 -6.23 -32.92
CA THR A 140 51.03 -5.40 -33.10
C THR A 140 50.78 -4.06 -32.41
N LEU A 141 51.86 -3.34 -32.14
CA LEU A 141 51.76 -2.06 -31.45
C LEU A 141 50.87 -1.09 -32.23
N ASN A 142 50.83 -1.27 -33.55
CA ASN A 142 50.06 -0.39 -34.42
C ASN A 142 48.55 -0.55 -34.26
N SER A 143 48.15 -1.55 -33.46
CA SER A 143 46.74 -1.81 -33.18
C SER A 143 46.45 -1.88 -31.68
N LYS A 144 47.49 -1.91 -30.85
CA LYS A 144 47.28 -1.90 -29.40
C LYS A 144 46.78 -0.54 -28.97
N ILE A 145 45.53 -0.49 -28.53
CA ILE A 145 44.90 0.77 -28.14
C ILE A 145 45.23 1.10 -26.68
N SER A 146 45.36 2.39 -26.40
CA SER A 146 45.66 2.87 -25.05
C SER A 146 44.72 4.03 -24.68
N TYR A 147 43.69 3.72 -23.91
CA TYR A 147 42.69 4.70 -23.50
C TYR A 147 43.20 5.56 -22.35
N ARG A 148 42.96 6.87 -22.42
CA ARG A 148 43.40 7.78 -21.37
C ARG A 148 42.34 8.85 -21.13
N ILE A 149 42.29 9.36 -19.91
CA ILE A 149 41.40 10.47 -19.60
C ILE A 149 42.09 11.79 -19.90
N VAL A 150 41.46 12.61 -20.73
CA VAL A 150 41.98 13.94 -21.04
C VAL A 150 41.61 14.90 -19.92
N SER A 151 40.31 15.12 -19.75
CA SER A 151 39.79 15.99 -18.70
C SER A 151 38.58 15.35 -18.03
N LEU A 152 38.13 15.96 -16.94
CA LEU A 152 37.07 15.42 -16.10
C LEU A 152 36.26 16.55 -15.48
N GLU A 153 34.96 16.34 -15.33
CA GLU A 153 34.07 17.33 -14.72
C GLU A 153 33.31 16.73 -13.54
N PRO A 154 33.41 17.35 -12.35
CA PRO A 154 34.11 18.59 -11.96
C PRO A 154 35.58 18.37 -11.58
N ALA A 155 36.26 17.44 -12.23
CA ALA A 155 37.73 17.30 -12.14
C ALA A 155 38.25 16.76 -10.80
N TYR A 156 37.68 17.19 -9.68
CA TYR A 156 38.19 16.80 -8.37
C TYR A 156 37.08 16.55 -7.35
N PRO A 157 37.23 15.50 -6.52
CA PRO A 157 38.34 14.54 -6.50
C PRO A 157 38.21 13.52 -7.62
N PRO A 158 39.31 12.85 -7.98
CA PRO A 158 39.20 11.83 -9.03
C PRO A 158 38.56 10.57 -8.48
N VAL A 159 37.38 10.22 -9.01
CA VAL A 159 36.61 9.10 -8.50
C VAL A 159 36.52 7.98 -9.53
N PHE A 160 37.26 8.11 -10.62
CA PHE A 160 37.18 7.16 -11.73
C PHE A 160 38.55 6.73 -12.22
N TYR A 161 38.71 5.43 -12.43
CA TYR A 161 39.94 4.86 -12.97
C TYR A 161 39.66 4.23 -14.34
N LEU A 162 40.41 4.66 -15.35
CA LEU A 162 40.25 4.14 -16.71
C LEU A 162 41.37 3.16 -17.06
N ASN A 163 41.00 1.88 -17.14
CA ASN A 163 41.93 0.86 -17.62
C ASN A 163 42.30 1.16 -19.07
N LYS A 164 43.54 1.59 -19.28
CA LYS A 164 43.93 2.11 -20.60
C LYS A 164 43.91 1.03 -21.68
N ASP A 165 43.98 -0.23 -21.28
CA ASP A 165 44.04 -1.31 -22.25
C ASP A 165 42.66 -1.87 -22.61
N THR A 166 41.73 -1.85 -21.65
CA THR A 166 40.41 -2.47 -21.83
C THR A 166 39.31 -1.46 -22.14
N GLY A 167 39.44 -0.24 -21.61
CA GLY A 167 38.43 0.77 -21.79
C GLY A 167 37.38 0.73 -20.71
N GLU A 168 37.39 -0.33 -19.91
CA GLU A 168 36.45 -0.46 -18.80
C GLU A 168 36.66 0.68 -17.80
N ILE A 169 35.56 1.19 -17.25
CA ILE A 169 35.61 2.25 -16.25
C ILE A 169 35.27 1.69 -14.87
N TYR A 170 35.95 2.20 -13.84
CA TYR A 170 35.78 1.70 -12.48
C TYR A 170 35.72 2.84 -11.47
N THR A 171 35.11 2.57 -10.32
CA THR A 171 35.08 3.52 -9.21
C THR A 171 36.32 3.32 -8.34
N THR A 172 36.86 4.42 -7.84
CA THR A 172 38.08 4.37 -7.03
C THR A 172 37.73 4.17 -5.55
N SER A 173 38.76 4.20 -4.71
CA SER A 173 38.57 3.99 -3.28
C SER A 173 37.81 5.15 -2.66
N VAL A 174 37.91 6.32 -3.28
CA VAL A 174 37.17 7.48 -2.79
C VAL A 174 35.72 7.24 -3.18
N THR A 175 34.84 7.40 -2.21
CA THR A 175 33.44 7.05 -2.38
C THR A 175 32.71 8.12 -3.20
N LEU A 176 31.77 7.67 -4.01
CA LEU A 176 30.95 8.59 -4.80
C LEU A 176 29.87 9.23 -3.95
N ASP A 177 29.44 10.43 -4.34
CA ASP A 177 28.41 11.15 -3.61
C ASP A 177 27.57 11.99 -4.57
N ARG A 178 26.30 11.62 -4.72
CA ARG A 178 25.39 12.28 -5.65
C ARG A 178 25.07 13.69 -5.18
N GLU A 179 25.02 13.88 -3.86
CA GLU A 179 24.69 15.18 -3.29
C GLU A 179 25.82 16.18 -3.51
N GLU A 180 27.05 15.68 -3.59
CA GLU A 180 28.21 16.50 -3.94
C GLU A 180 28.22 16.81 -5.42
N HIS A 181 28.28 15.75 -6.22
CA HIS A 181 28.22 15.87 -7.68
C HIS A 181 27.30 14.78 -8.21
N SER A 182 26.25 15.19 -8.92
CA SER A 182 25.20 14.27 -9.36
C SER A 182 25.53 13.64 -10.70
N SER A 183 26.26 14.36 -11.53
CA SER A 183 26.62 13.88 -12.86
C SER A 183 28.05 14.26 -13.22
N TYR A 184 28.75 13.33 -13.85
CA TYR A 184 30.11 13.57 -14.34
C TYR A 184 30.12 13.51 -15.86
N THR A 185 30.73 14.51 -16.50
CA THR A 185 30.85 14.56 -17.96
C THR A 185 32.33 14.60 -18.37
N LEU A 186 32.74 13.61 -19.17
CA LEU A 186 34.16 13.34 -19.41
C LEU A 186 34.55 13.37 -20.90
N THR A 187 35.76 13.83 -21.17
CA THR A 187 36.36 13.75 -22.50
C THR A 187 37.51 12.75 -22.48
N VAL A 188 37.48 11.78 -23.41
CA VAL A 188 38.43 10.67 -23.41
C VAL A 188 39.31 10.71 -24.67
N GLU A 189 40.41 9.96 -24.65
CA GLU A 189 41.36 9.91 -25.76
C GLU A 189 41.84 8.48 -25.97
N ALA A 190 42.11 8.13 -27.23
CA ALA A 190 42.61 6.79 -27.57
C ALA A 190 43.89 6.88 -28.38
N ARG A 191 44.89 6.10 -27.97
CA ARG A 191 46.19 6.09 -28.64
C ARG A 191 46.63 4.69 -29.02
N ASP A 192 47.51 4.61 -30.00
CA ASP A 192 48.09 3.35 -30.44
C ASP A 192 49.58 3.32 -30.19
N GLY A 193 50.24 2.27 -30.67
CA GLY A 193 51.67 2.13 -30.49
C GLY A 193 51.99 1.78 -29.05
N ASN A 194 52.71 2.67 -28.37
CA ASN A 194 53.10 2.45 -26.99
C ASN A 194 52.21 3.23 -26.02
N GLY A 195 51.09 3.73 -26.52
CA GLY A 195 50.18 4.53 -25.73
C GLY A 195 50.87 5.74 -25.13
N GLU A 196 51.96 6.15 -25.76
CA GLU A 196 52.75 7.27 -25.26
C GLU A 196 52.07 8.59 -25.59
N VAL A 197 52.12 9.53 -24.65
CA VAL A 197 51.52 10.83 -24.84
C VAL A 197 52.49 11.75 -25.59
N THR A 198 52.13 12.12 -26.81
CA THR A 198 52.92 13.07 -27.60
C THR A 198 52.16 14.39 -27.69
N ASP A 199 52.48 15.19 -28.72
CA ASP A 199 51.70 16.39 -29.02
C ASP A 199 50.89 16.18 -30.30
N LYS A 200 50.81 14.93 -30.74
CA LYS A 200 50.07 14.59 -31.95
C LYS A 200 48.57 14.54 -31.67
N PRO A 201 47.76 15.18 -32.52
CA PRO A 201 46.31 15.21 -32.28
C PRO A 201 45.65 13.87 -32.61
N VAL A 202 45.06 13.24 -31.60
CA VAL A 202 44.34 11.98 -31.79
C VAL A 202 42.85 12.19 -31.54
N LYS A 203 42.04 11.31 -32.12
CA LYS A 203 40.60 11.43 -32.02
C LYS A 203 40.16 11.29 -30.57
N GLN A 204 38.99 11.85 -30.28
CA GLN A 204 38.49 11.89 -28.91
C GLN A 204 36.96 11.90 -28.88
N ALA A 205 36.40 11.21 -27.89
CA ALA A 205 34.97 11.14 -27.69
C ALA A 205 34.62 11.69 -26.32
N GLN A 206 33.37 11.51 -25.90
CA GLN A 206 32.92 11.99 -24.59
C GLN A 206 32.11 10.94 -23.83
N VAL A 207 32.20 10.97 -22.51
CA VAL A 207 31.45 10.07 -21.64
C VAL A 207 30.64 10.88 -20.63
N GLN A 208 29.38 10.51 -20.47
CA GLN A 208 28.48 11.18 -19.54
C GLN A 208 27.95 10.21 -18.50
N ILE A 209 28.55 10.24 -17.32
CA ILE A 209 28.15 9.35 -16.24
C ILE A 209 27.18 10.04 -15.30
N ARG A 210 25.98 9.47 -15.20
CA ARG A 210 24.98 9.93 -14.26
C ARG A 210 25.11 9.13 -12.98
N ILE A 211 25.07 9.80 -11.83
CA ILE A 211 25.10 9.12 -10.55
C ILE A 211 23.69 8.96 -10.01
N LEU A 212 23.36 7.74 -9.65
CA LEU A 212 22.05 7.41 -9.15
C LEU A 212 21.98 7.68 -7.66
N ASP A 213 20.77 7.92 -7.17
CA ASP A 213 20.57 8.31 -5.79
C ASP A 213 20.33 7.11 -4.88
N VAL A 214 20.76 7.25 -3.63
CA VAL A 214 20.44 6.30 -2.57
C VAL A 214 19.93 7.10 -1.38
N ASN A 215 19.04 6.52 -0.60
CA ASN A 215 18.50 7.19 0.58
C ASN A 215 19.54 7.18 1.71
N ASP A 216 20.42 8.17 1.70
CA ASP A 216 21.49 8.26 2.68
C ASP A 216 21.47 9.62 3.39
N ASN A 217 20.28 10.20 3.50
CA ASN A 217 20.10 11.47 4.20
C ASN A 217 18.76 11.55 4.93
N ILE A 218 18.84 11.79 6.24
CA ILE A 218 17.67 11.86 7.10
C ILE A 218 16.94 13.20 6.90
N PRO A 219 15.60 13.19 6.98
CA PRO A 219 14.82 14.43 6.89
C PRO A 219 14.97 15.34 8.11
N VAL A 220 14.72 16.63 7.93
CA VAL A 220 14.84 17.62 9.01
C VAL A 220 13.71 18.65 8.94
N VAL A 221 13.11 18.94 10.09
CA VAL A 221 12.07 19.97 10.17
C VAL A 221 12.70 21.36 10.10
N GLU A 222 12.16 22.20 9.22
CA GLU A 222 12.66 23.55 9.03
C GLU A 222 11.80 24.59 9.75
N ASN A 223 10.59 24.19 10.13
CA ASN A 223 9.68 25.09 10.81
C ASN A 223 10.30 25.67 12.07
N LYS A 224 10.36 27.00 12.13
CA LYS A 224 10.90 27.68 13.30
C LYS A 224 9.94 27.49 14.47
N VAL A 225 8.68 27.86 14.27
CA VAL A 225 7.63 27.61 15.25
C VAL A 225 6.77 26.44 14.83
N LEU A 226 6.46 25.58 15.78
CA LEU A 226 5.54 24.48 15.55
C LEU A 226 4.41 24.52 16.56
N GLU A 227 3.50 25.46 16.33
CA GLU A 227 2.30 25.60 17.13
C GLU A 227 1.09 25.66 16.22
N GLY A 228 0.06 24.90 16.57
CA GLY A 228 -1.16 24.85 15.79
C GLY A 228 -2.21 25.76 16.38
N MET A 229 -3.31 25.89 15.66
CA MET A 229 -4.40 26.76 16.09
C MET A 229 -5.71 26.27 15.49
N VAL A 230 -6.70 26.03 16.36
CA VAL A 230 -7.99 25.53 15.91
C VAL A 230 -9.15 26.10 16.72
N GLU A 231 -10.31 26.23 16.10
CA GLU A 231 -11.50 26.65 16.79
C GLU A 231 -12.18 25.48 17.50
N GLU A 232 -13.03 25.79 18.46
CA GLU A 232 -13.87 24.80 19.12
C GLU A 232 -14.97 24.34 18.18
N ASN A 233 -15.35 23.07 18.30
CA ASN A 233 -16.45 22.50 17.52
C ASN A 233 -16.26 22.52 16.00
N GLN A 234 -15.02 22.65 15.53
CA GLN A 234 -14.75 22.67 14.08
C GLN A 234 -14.28 21.29 13.60
N VAL A 235 -14.42 21.05 12.30
CA VAL A 235 -13.97 19.80 11.69
C VAL A 235 -13.37 20.02 10.31
N ASN A 236 -12.45 19.14 9.94
CA ASN A 236 -11.83 19.17 8.62
C ASN A 236 -11.21 20.53 8.34
N VAL A 237 -10.24 20.89 9.16
CA VAL A 237 -9.49 22.13 8.97
C VAL A 237 -8.00 21.88 9.15
N GLU A 238 -7.18 22.71 8.51
CA GLU A 238 -5.74 22.56 8.53
C GLU A 238 -5.15 23.05 9.86
N VAL A 239 -4.50 22.14 10.57
CA VAL A 239 -3.87 22.47 11.85
C VAL A 239 -2.52 23.13 11.64
N THR A 240 -1.63 22.44 10.91
CA THR A 240 -0.28 22.92 10.66
C THR A 240 0.30 22.25 9.41
N ARG A 241 1.26 22.94 8.79
CA ARG A 241 2.07 22.34 7.74
C ARG A 241 3.51 22.23 8.21
N ILE A 242 4.02 21.01 8.29
CA ILE A 242 5.39 20.77 8.74
C ILE A 242 6.33 20.69 7.53
N LYS A 243 7.05 21.78 7.27
CA LYS A 243 7.98 21.83 6.15
C LYS A 243 9.23 21.03 6.47
N VAL A 244 9.48 20.00 5.66
CA VAL A 244 10.60 19.10 5.88
C VAL A 244 11.57 19.19 4.71
N PHE A 245 12.86 19.11 5.04
CA PHE A 245 13.94 19.20 4.05
C PHE A 245 14.69 17.88 3.96
N ASP A 246 14.99 17.45 2.74
CA ASP A 246 15.75 16.23 2.50
C ASP A 246 16.73 16.46 1.36
N ALA A 247 17.94 15.92 1.51
CA ALA A 247 19.02 16.18 0.56
C ALA A 247 18.91 15.31 -0.70
N ASP A 248 18.33 14.13 -0.55
CA ASP A 248 18.30 13.13 -1.62
C ASP A 248 17.55 13.61 -2.87
N GLU A 249 17.47 12.74 -3.87
CA GLU A 249 16.90 13.09 -5.17
C GLU A 249 15.45 13.51 -5.05
N ILE A 250 15.17 14.78 -5.34
CA ILE A 250 13.84 15.33 -5.22
C ILE A 250 12.83 14.57 -6.09
N GLY A 251 11.71 14.20 -5.48
CA GLY A 251 10.64 13.50 -6.17
C GLY A 251 10.63 12.01 -5.85
N SER A 252 11.81 11.45 -5.61
CA SER A 252 11.93 10.02 -5.35
C SER A 252 11.36 9.66 -3.98
N ASP A 253 11.13 8.37 -3.77
CA ASP A 253 10.66 7.88 -2.48
C ASP A 253 11.75 8.02 -1.42
N ASN A 254 12.97 8.34 -1.86
CA ASN A 254 14.08 8.62 -0.95
C ASN A 254 14.00 10.05 -0.40
N TRP A 255 13.19 10.88 -1.06
CA TRP A 255 13.07 12.29 -0.71
C TRP A 255 11.70 12.59 -0.15
N LEU A 256 10.71 11.79 -0.54
CA LEU A 256 9.35 11.97 -0.06
C LEU A 256 9.28 11.73 1.44
N ALA A 257 8.60 12.62 2.15
CA ALA A 257 8.48 12.50 3.60
C ALA A 257 7.47 11.42 3.99
N ASN A 258 7.55 11.03 5.25
CA ASN A 258 6.68 10.02 5.81
C ASN A 258 6.44 10.34 7.27
N PHE A 259 5.21 10.16 7.76
CA PHE A 259 4.88 10.55 9.12
C PHE A 259 4.11 9.48 9.86
N THR A 260 4.40 9.36 11.15
CA THR A 260 3.72 8.43 12.03
C THR A 260 3.61 9.05 13.41
N PHE A 261 2.43 8.96 14.01
CA PHE A 261 2.20 9.53 15.32
C PHE A 261 2.86 8.67 16.39
N ALA A 262 3.70 9.27 17.20
CA ALA A 262 4.38 8.56 18.28
C ALA A 262 3.46 8.42 19.48
N SER A 263 2.84 9.53 19.86
CA SER A 263 1.91 9.54 20.99
C SER A 263 1.04 10.79 20.95
N GLY A 264 -0.18 10.66 21.47
CA GLY A 264 -1.10 11.78 21.57
C GLY A 264 -2.23 11.73 20.55
N ASN A 265 -2.27 10.67 19.75
CA ASN A 265 -3.28 10.55 18.70
C ASN A 265 -3.95 9.19 18.59
N GLU A 266 -3.90 8.39 19.66
CA GLU A 266 -4.69 7.16 19.66
C GLU A 266 -6.12 7.49 20.11
N GLY A 267 -6.36 8.79 20.33
CA GLY A 267 -7.71 9.30 20.47
C GLY A 267 -8.32 9.49 19.10
N GLY A 268 -7.47 9.57 18.07
CA GLY A 268 -7.90 9.59 16.69
C GLY A 268 -8.39 10.94 16.18
N TYR A 269 -7.87 12.01 16.77
CA TYR A 269 -8.33 13.36 16.43
C TYR A 269 -7.62 13.94 15.20
N PHE A 270 -6.46 13.38 14.85
CA PHE A 270 -5.65 13.91 13.74
C PHE A 270 -5.44 12.90 12.61
N HIS A 271 -5.36 13.41 11.38
CA HIS A 271 -4.91 12.63 10.24
C HIS A 271 -3.79 13.38 9.53
N ILE A 272 -2.75 12.65 9.16
CA ILE A 272 -1.57 13.24 8.52
C ILE A 272 -1.31 12.60 7.16
N GLU A 273 -0.99 13.44 6.17
CA GLU A 273 -0.60 12.95 4.85
C GLU A 273 0.46 13.87 4.27
N THR A 274 1.34 13.31 3.46
CA THR A 274 2.48 14.04 2.91
C THR A 274 2.16 14.68 1.57
N ASP A 275 2.37 15.99 1.49
CA ASP A 275 2.24 16.70 0.21
C ASP A 275 3.46 16.42 -0.65
N ALA A 276 3.27 15.62 -1.70
CA ALA A 276 4.38 15.15 -2.51
C ALA A 276 5.02 16.24 -3.38
N GLN A 277 4.47 17.45 -3.32
CA GLN A 277 4.92 18.52 -4.21
C GLN A 277 5.81 19.54 -3.50
N THR A 278 5.50 19.87 -2.26
CA THR A 278 6.31 20.80 -1.46
C THR A 278 7.05 20.09 -0.34
N ASN A 279 6.72 18.81 -0.15
CA ASN A 279 7.27 18.02 0.94
C ASN A 279 6.83 18.61 2.28
N GLU A 280 5.52 18.79 2.43
CA GLU A 280 4.94 19.25 3.68
C GLU A 280 4.02 18.18 4.25
N GLY A 281 4.16 17.93 5.55
CA GLY A 281 3.23 17.09 6.25
C GLY A 281 1.97 17.89 6.53
N ILE A 282 0.85 17.47 5.93
CA ILE A 282 -0.42 18.14 6.14
C ILE A 282 -1.20 17.42 7.22
N VAL A 283 -1.28 18.03 8.40
CA VAL A 283 -2.06 17.47 9.50
C VAL A 283 -3.40 18.20 9.58
N THR A 284 -4.47 17.44 9.76
CA THR A 284 -5.82 17.99 9.74
C THR A 284 -6.72 17.33 10.77
N LEU A 285 -7.70 18.07 11.25
CA LEU A 285 -8.66 17.54 12.23
C LEU A 285 -9.63 16.57 11.57
N ILE A 286 -10.10 15.61 12.35
CA ILE A 286 -11.13 14.67 11.91
C ILE A 286 -12.16 14.43 13.02
N LYS A 287 -12.14 15.31 14.03
CA LYS A 287 -13.07 15.24 15.14
C LYS A 287 -13.25 16.62 15.77
N GLU A 288 -14.48 16.97 16.11
CA GLU A 288 -14.73 18.21 16.85
C GLU A 288 -14.06 18.13 18.20
N VAL A 289 -13.79 19.28 18.81
CA VAL A 289 -13.23 19.34 20.14
C VAL A 289 -14.00 20.35 20.99
N ASP A 290 -14.26 20.00 22.24
CA ASP A 290 -14.91 20.93 23.15
C ASP A 290 -13.88 21.63 24.02
N TYR A 291 -13.74 22.94 23.84
CA TYR A 291 -12.80 23.74 24.60
C TYR A 291 -13.13 23.67 26.09
N GLU A 292 -14.42 23.60 26.39
CA GLU A 292 -14.87 23.48 27.78
C GLU A 292 -14.40 22.15 28.40
N GLU A 293 -13.80 21.29 27.58
CA GLU A 293 -13.30 19.99 28.02
C GLU A 293 -11.78 19.88 27.83
N MET A 294 -11.32 20.15 26.60
CA MET A 294 -9.90 20.03 26.24
C MET A 294 -9.32 21.35 25.77
N LYS A 295 -8.48 21.96 26.61
CA LYS A 295 -7.94 23.29 26.35
C LYS A 295 -6.67 23.26 25.49
N ASN A 296 -6.11 22.07 25.32
CA ASN A 296 -4.93 21.87 24.48
C ASN A 296 -4.84 20.42 24.01
N LEU A 297 -4.47 20.22 22.76
CA LEU A 297 -4.39 18.88 22.18
C LEU A 297 -3.01 18.57 21.61
N ASP A 298 -1.96 18.86 22.38
CA ASP A 298 -0.58 18.67 21.93
C ASP A 298 -0.33 17.23 21.49
N PHE A 299 0.61 17.05 20.56
CA PHE A 299 0.98 15.71 20.12
C PHE A 299 2.35 15.67 19.43
N SER A 300 2.81 14.44 19.18
CA SER A 300 4.15 14.21 18.65
C SER A 300 4.11 13.37 17.37
N VAL A 301 5.12 13.53 16.53
CA VAL A 301 5.21 12.79 15.28
C VAL A 301 6.67 12.53 14.93
N ILE A 302 6.94 11.35 14.36
CA ILE A 302 8.28 10.97 13.93
C ILE A 302 8.37 11.05 12.41
N VAL A 303 9.51 11.51 11.90
CA VAL A 303 9.69 11.75 10.47
C VAL A 303 10.64 10.73 9.84
N ALA A 304 10.36 10.38 8.59
CA ALA A 304 11.20 9.46 7.84
C ALA A 304 10.90 9.59 6.34
N ASN A 305 11.47 8.68 5.55
CA ASN A 305 11.27 8.67 4.10
C ASN A 305 10.28 7.55 3.72
N LYS A 306 9.55 7.76 2.62
CA LYS A 306 8.62 6.74 2.12
C LYS A 306 9.36 5.44 1.84
N ALA A 307 10.60 5.57 1.37
CA ALA A 307 11.50 4.43 1.18
C ALA A 307 12.38 4.27 2.42
N ALA A 308 12.79 3.04 2.70
CA ALA A 308 13.63 2.78 3.86
C ALA A 308 15.01 3.41 3.68
N PHE A 309 15.67 3.67 4.80
CA PHE A 309 17.01 4.25 4.78
C PHE A 309 18.04 3.24 4.32
N HIS A 310 19.11 3.73 3.71
CA HIS A 310 20.23 2.88 3.29
C HIS A 310 20.91 2.30 4.53
N LYS A 311 21.46 1.10 4.40
CA LYS A 311 22.12 0.43 5.53
C LYS A 311 23.24 1.28 6.12
N SER A 312 23.82 2.12 5.27
CA SER A 312 24.97 2.93 5.65
C SER A 312 24.68 3.86 6.82
N ILE A 313 23.41 4.21 7.01
CA ILE A 313 23.01 5.26 7.95
C ILE A 313 22.12 4.70 9.08
N ARG A 314 21.76 3.41 9.01
CA ARG A 314 20.86 2.81 9.99
C ARG A 314 21.49 2.72 11.39
N SER A 315 20.65 2.92 12.39
CA SER A 315 21.03 2.86 13.81
C SER A 315 21.86 4.08 14.25
N LYS A 316 22.42 4.80 13.29
CA LYS A 316 22.90 6.16 13.55
C LYS A 316 21.66 7.05 13.65
N TYR A 317 20.55 6.53 13.12
CA TYR A 317 19.27 7.21 13.12
C TYR A 317 18.44 6.79 14.33
N LYS A 318 18.35 7.70 15.30
CA LYS A 318 17.50 7.51 16.47
C LYS A 318 16.14 8.16 16.21
N PRO A 319 15.07 7.35 16.11
CA PRO A 319 13.77 7.98 15.84
C PRO A 319 13.33 8.89 16.98
N THR A 320 13.60 10.19 16.84
CA THR A 320 13.34 11.17 17.89
C THR A 320 12.04 11.93 17.62
N PRO A 321 10.99 11.71 18.46
CA PRO A 321 9.70 12.37 18.25
C PRO A 321 9.78 13.89 18.26
N ILE A 322 8.93 14.53 17.45
CA ILE A 322 8.90 15.99 17.33
C ILE A 322 7.59 16.56 17.88
N PRO A 323 7.65 17.39 18.93
CA PRO A 323 6.44 17.91 19.57
C PRO A 323 5.84 19.12 18.85
N ILE A 324 4.51 19.23 18.86
CA ILE A 324 3.83 20.34 18.21
C ILE A 324 2.57 20.73 18.99
N LYS A 325 2.59 21.91 19.59
CA LYS A 325 1.49 22.36 20.45
C LYS A 325 0.30 22.84 19.62
N VAL A 326 -0.90 22.61 20.13
CA VAL A 326 -2.12 23.13 19.50
C VAL A 326 -3.04 23.74 20.55
N LYS A 327 -3.59 24.90 20.23
CA LYS A 327 -4.48 25.61 21.14
C LYS A 327 -5.89 25.61 20.58
N VAL A 328 -6.88 25.67 21.47
CA VAL A 328 -8.28 25.71 21.06
C VAL A 328 -8.93 27.05 21.39
N LYS A 329 -9.65 27.59 20.42
CA LYS A 329 -10.35 28.87 20.57
C LYS A 329 -11.75 28.61 21.11
N ASN A 330 -12.26 29.53 21.92
CA ASN A 330 -13.59 29.39 22.51
C ASN A 330 -14.67 29.90 21.56
N VAL A 331 -15.88 29.37 21.73
CA VAL A 331 -17.04 29.87 20.99
C VAL A 331 -18.30 29.77 21.85
N LYS A 332 -19.19 30.74 21.69
CA LYS A 332 -20.47 30.74 22.38
C LYS A 332 -21.35 29.59 21.88
N GLU A 333 -21.90 28.81 22.81
CA GLU A 333 -22.73 27.65 22.48
C GLU A 333 -24.11 27.71 23.13
N GLY A 334 -24.24 28.49 24.19
CA GLY A 334 -25.50 28.60 24.90
C GLY A 334 -25.76 27.43 25.85
N ILE A 335 -27.02 27.22 26.18
CA ILE A 335 -27.40 26.21 27.19
C ILE A 335 -27.32 24.79 26.64
N HIS A 336 -27.06 23.84 27.54
CA HIS A 336 -26.94 22.43 27.18
C HIS A 336 -27.10 21.54 28.39
N PHE A 337 -27.23 20.24 28.16
CA PHE A 337 -27.28 19.25 29.24
C PHE A 337 -25.93 18.59 29.44
N LYS A 338 -25.55 18.40 30.70
CA LYS A 338 -24.33 17.68 31.03
C LYS A 338 -24.39 16.28 30.44
N SER A 339 -25.60 15.74 30.35
CA SER A 339 -25.85 14.43 29.76
C SER A 339 -27.18 14.42 29.03
N SER A 340 -27.14 14.05 27.76
CA SER A 340 -28.34 13.99 26.94
C SER A 340 -29.29 12.91 27.46
N VAL A 341 -28.74 11.96 28.21
CA VAL A 341 -29.53 10.86 28.78
C VAL A 341 -29.41 10.80 30.28
N ILE A 342 -30.55 10.75 30.97
CA ILE A 342 -30.61 10.48 32.39
C ILE A 342 -31.28 9.12 32.58
N SER A 343 -30.81 8.37 33.57
CA SER A 343 -31.45 7.12 33.97
C SER A 343 -32.10 7.28 35.34
N ILE A 344 -33.41 7.07 35.38
CA ILE A 344 -34.16 7.13 36.62
C ILE A 344 -34.85 5.80 36.91
N TYR A 345 -34.62 5.29 38.12
CA TYR A 345 -35.14 4.00 38.51
C TYR A 345 -36.33 4.15 39.46
N VAL A 346 -37.48 3.65 39.04
CA VAL A 346 -38.71 3.69 39.84
C VAL A 346 -39.26 2.28 40.02
N SER A 347 -40.32 2.16 40.83
CA SER A 347 -40.89 0.85 41.14
C SER A 347 -42.40 0.83 40.93
N GLU A 348 -42.93 -0.36 40.71
CA GLU A 348 -44.36 -0.58 40.47
C GLU A 348 -45.13 -0.66 41.79
N SER A 349 -44.41 -0.78 42.89
CA SER A 349 -45.00 -0.86 44.23
C SER A 349 -45.23 0.52 44.84
N MET A 350 -46.33 0.68 45.55
CA MET A 350 -46.63 1.92 46.26
C MET A 350 -45.72 2.11 47.47
N ASP A 351 -44.99 1.06 47.82
CA ASP A 351 -44.17 1.06 49.03
C ASP A 351 -42.91 1.90 48.90
N ARG A 352 -42.47 2.15 47.66
CA ARG A 352 -41.31 3.00 47.42
C ARG A 352 -41.63 4.14 46.45
N SER A 353 -42.20 3.80 45.30
CA SER A 353 -42.61 4.82 44.34
C SER A 353 -44.08 5.18 44.55
N SER A 354 -44.34 6.45 44.77
CA SER A 354 -45.67 6.94 45.12
C SER A 354 -46.18 7.92 44.08
N LYS A 355 -47.46 7.83 43.75
CA LYS A 355 -48.06 8.72 42.77
C LYS A 355 -48.03 10.16 43.25
N GLY A 356 -47.09 10.94 42.71
CA GLY A 356 -46.99 12.36 43.03
C GLY A 356 -45.65 12.76 43.63
N GLN A 357 -44.71 11.82 43.71
CA GLN A 357 -43.40 12.10 44.30
C GLN A 357 -42.45 12.67 43.25
N ILE A 358 -41.44 13.40 43.72
CA ILE A 358 -40.35 13.86 42.85
C ILE A 358 -39.37 12.70 42.63
N ILE A 359 -38.91 12.52 41.39
CA ILE A 359 -38.03 11.40 41.07
C ILE A 359 -36.76 11.84 40.34
N GLY A 360 -36.54 13.15 40.23
CA GLY A 360 -35.34 13.66 39.58
C GLY A 360 -35.59 14.97 38.86
N ASN A 361 -34.62 15.38 38.07
CA ASN A 361 -34.71 16.64 37.33
C ASN A 361 -33.84 16.64 36.08
N PHE A 362 -33.80 17.78 35.41
CA PHE A 362 -33.02 17.94 34.18
C PHE A 362 -32.49 19.38 34.07
N GLN A 363 -31.62 19.75 35.00
CA GLN A 363 -31.13 21.12 35.06
C GLN A 363 -30.31 21.49 33.83
N ALA A 364 -30.69 22.59 33.18
CA ALA A 364 -29.99 23.08 31.99
C ALA A 364 -28.96 24.13 32.37
N PHE A 365 -27.73 23.95 31.87
CA PHE A 365 -26.62 24.85 32.16
C PHE A 365 -26.14 25.54 30.89
N ASP A 366 -25.71 26.79 31.01
CA ASP A 366 -25.04 27.47 29.89
C ASP A 366 -23.67 26.84 29.70
N GLU A 367 -23.51 26.13 28.59
CA GLU A 367 -22.34 25.29 28.33
C GLU A 367 -21.02 26.03 28.55
N ASP A 368 -20.98 27.31 28.21
CA ASP A 368 -19.76 28.08 28.28
C ASP A 368 -19.32 28.40 29.71
N THR A 369 -20.27 28.77 30.57
CA THR A 369 -19.96 29.17 31.94
C THR A 369 -20.15 28.04 32.95
N GLY A 370 -21.09 27.13 32.66
CA GLY A 370 -21.31 25.97 33.51
C GLY A 370 -22.28 26.20 34.66
N LEU A 371 -22.86 27.40 34.74
CA LEU A 371 -23.81 27.73 35.79
C LEU A 371 -25.23 27.35 35.40
N PRO A 372 -26.11 27.13 36.39
CA PRO A 372 -27.50 26.78 36.07
C PRO A 372 -28.20 27.90 35.31
N ALA A 373 -28.67 27.59 34.11
CA ALA A 373 -29.26 28.60 33.23
C ALA A 373 -30.76 28.68 33.41
N HIS A 374 -31.29 29.90 33.30
CA HIS A 374 -32.73 30.12 33.31
C HIS A 374 -33.31 29.63 31.99
N ALA A 375 -34.22 28.66 32.08
CA ALA A 375 -34.83 28.08 30.89
C ALA A 375 -36.27 27.64 31.15
N ARG A 376 -36.96 27.27 30.07
CA ARG A 376 -38.36 26.84 30.15
C ARG A 376 -38.48 25.38 29.70
N TYR A 377 -38.65 24.49 30.68
CA TYR A 377 -38.64 23.05 30.43
C TYR A 377 -40.03 22.53 30.07
N VAL A 378 -40.09 21.53 29.19
CA VAL A 378 -41.37 21.06 28.66
C VAL A 378 -41.36 19.55 28.38
N LYS A 379 -42.47 18.88 28.70
CA LYS A 379 -42.59 17.45 28.47
C LYS A 379 -42.76 17.15 26.97
N LEU A 380 -42.51 15.91 26.58
CA LEU A 380 -42.62 15.55 25.17
C LEU A 380 -42.69 14.02 25.01
N GLU A 381 -43.63 13.56 24.18
CA GLU A 381 -43.78 12.13 23.90
C GLU A 381 -43.94 11.31 25.18
N ASP A 382 -44.90 11.68 26.00
CA ASP A 382 -45.27 10.90 27.18
C ASP A 382 -46.57 10.15 26.88
N ARG A 383 -46.42 9.02 26.19
CA ARG A 383 -47.55 8.35 25.54
C ARG A 383 -48.70 7.96 26.47
N ASP A 384 -48.41 7.73 27.75
CA ASP A 384 -49.44 7.34 28.72
C ASP A 384 -49.47 8.33 29.90
N ASN A 385 -48.83 9.49 29.72
CA ASN A 385 -48.84 10.56 30.71
C ASN A 385 -48.41 10.12 32.11
N TRP A 386 -47.19 9.59 32.20
CA TRP A 386 -46.64 9.14 33.48
C TRP A 386 -45.98 10.25 34.28
N ILE A 387 -45.76 11.40 33.65
CA ILE A 387 -44.88 12.43 34.22
C ILE A 387 -45.44 13.84 34.14
N SER A 388 -45.08 14.63 35.15
CA SER A 388 -45.32 16.06 35.16
C SER A 388 -43.99 16.79 35.30
N VAL A 389 -43.68 17.65 34.32
CA VAL A 389 -42.43 18.42 34.34
C VAL A 389 -42.70 19.88 34.60
N ASP A 390 -42.15 20.39 35.70
CA ASP A 390 -42.30 21.80 36.03
C ASP A 390 -41.57 22.64 35.00
N SER A 391 -42.27 23.65 34.49
CA SER A 391 -41.72 24.47 33.41
C SER A 391 -40.54 25.33 33.86
N VAL A 392 -40.38 25.50 35.17
CA VAL A 392 -39.40 26.44 35.70
C VAL A 392 -38.15 25.77 36.27
N THR A 393 -38.32 24.83 37.20
CA THR A 393 -37.17 24.23 37.88
C THR A 393 -36.77 22.86 37.29
N SER A 394 -37.55 22.39 36.32
CA SER A 394 -37.25 21.14 35.62
C SER A 394 -37.43 19.90 36.49
N GLU A 395 -38.04 20.07 37.66
CA GLU A 395 -38.25 18.95 38.58
C GLU A 395 -39.28 18.01 37.97
N ILE A 396 -39.07 16.72 38.17
CA ILE A 396 -39.88 15.68 37.54
C ILE A 396 -40.62 14.88 38.59
N LYS A 397 -41.88 14.55 38.32
CA LYS A 397 -42.70 13.81 39.27
C LYS A 397 -43.73 12.92 38.61
N LEU A 398 -44.15 11.89 39.33
CA LEU A 398 -45.09 10.90 38.82
C LEU A 398 -46.52 11.45 38.68
N ALA A 399 -47.20 11.03 37.62
CA ALA A 399 -48.60 11.37 37.40
C ALA A 399 -49.45 10.12 37.51
N LYS A 400 -48.80 8.96 37.49
CA LYS A 400 -49.46 7.68 37.64
C LYS A 400 -48.52 6.73 38.36
N LEU A 401 -49.07 5.75 39.06
CA LEU A 401 -48.24 4.68 39.61
C LEU A 401 -47.74 3.88 38.42
N PRO A 402 -46.41 3.77 38.26
CA PRO A 402 -45.89 3.14 37.04
C PRO A 402 -46.22 1.65 36.96
N ASP A 403 -46.82 1.25 35.85
CA ASP A 403 -47.22 -0.14 35.62
C ASP A 403 -46.22 -0.82 34.69
N PHE A 404 -45.39 -1.70 35.24
CA PHE A 404 -44.36 -2.40 34.47
C PHE A 404 -44.96 -3.19 33.31
N GLU A 405 -46.18 -3.64 33.48
CA GLU A 405 -46.86 -4.44 32.47
C GLU A 405 -47.45 -3.58 31.36
N SER A 406 -47.31 -2.27 31.47
CA SER A 406 -47.81 -1.34 30.45
C SER A 406 -47.23 -1.68 29.09
N ARG A 407 -48.07 -1.66 28.07
CA ARG A 407 -47.63 -1.97 26.71
C ARG A 407 -46.65 -0.90 26.21
N TYR A 408 -46.69 0.26 26.85
CA TYR A 408 -45.77 1.35 26.52
C TYR A 408 -44.39 1.13 27.13
N VAL A 409 -44.30 0.19 28.08
CA VAL A 409 -43.02 -0.16 28.70
C VAL A 409 -42.29 -1.19 27.85
N GLN A 410 -40.97 -1.02 27.73
CA GLN A 410 -40.15 -1.83 26.84
C GLN A 410 -38.79 -2.12 27.48
N ASN A 411 -38.32 -3.37 27.41
CA ASN A 411 -37.05 -3.77 28.03
C ASN A 411 -37.09 -3.58 29.55
N GLY A 412 -38.26 -3.29 30.08
CA GLY A 412 -38.38 -2.87 31.47
C GLY A 412 -38.03 -1.40 31.63
N THR A 413 -38.10 -0.65 30.53
CA THR A 413 -37.73 0.77 30.53
C THR A 413 -38.76 1.60 29.77
N TYR A 414 -39.21 2.68 30.39
CA TYR A 414 -40.22 3.56 29.82
C TYR A 414 -39.58 4.88 29.40
N THR A 415 -39.46 5.10 28.10
CA THR A 415 -38.72 6.24 27.57
C THR A 415 -39.58 7.48 27.42
N VAL A 416 -39.04 8.62 27.83
CA VAL A 416 -39.74 9.90 27.76
C VAL A 416 -38.77 11.03 27.45
N LYS A 417 -39.12 11.84 26.45
CA LYS A 417 -38.31 12.99 26.06
C LYS A 417 -38.64 14.21 26.91
N ILE A 418 -37.71 15.16 26.94
CA ILE A 418 -37.92 16.44 27.60
C ILE A 418 -37.23 17.51 26.74
N VAL A 419 -37.67 18.75 26.87
CA VAL A 419 -37.11 19.85 26.08
C VAL A 419 -36.91 21.06 26.97
N ALA A 420 -35.88 21.84 26.67
CA ALA A 420 -35.64 23.11 27.37
C ALA A 420 -35.40 24.22 26.36
N ILE A 421 -36.07 25.35 26.55
CA ILE A 421 -35.88 26.52 25.71
C ILE A 421 -35.21 27.63 26.51
N SER A 422 -34.23 28.28 25.89
CA SER A 422 -33.44 29.30 26.56
C SER A 422 -34.16 30.64 26.60
N GLU A 423 -33.92 31.41 27.65
CA GLU A 423 -34.42 32.77 27.74
C GLU A 423 -33.51 33.69 26.96
N ASP A 424 -33.96 34.92 26.74
CA ASP A 424 -33.27 35.87 25.86
C ASP A 424 -33.30 35.35 24.42
N TYR A 425 -33.06 36.26 23.47
CA TYR A 425 -33.00 35.86 22.06
C TYR A 425 -31.59 35.37 21.72
N PRO A 426 -31.49 34.31 20.90
CA PRO A 426 -32.57 33.50 20.32
C PRO A 426 -33.01 32.37 21.24
N ARG A 427 -34.19 31.82 20.95
CA ARG A 427 -34.68 30.66 21.68
C ARG A 427 -33.97 29.40 21.18
N LYS A 428 -33.06 28.87 22.00
CA LYS A 428 -32.36 27.64 21.67
C LYS A 428 -33.11 26.44 22.23
N THR A 429 -33.32 25.43 21.40
CA THR A 429 -34.05 24.24 21.81
C THR A 429 -33.20 22.98 21.81
N ILE A 430 -33.03 22.44 23.00
CA ILE A 430 -32.26 21.22 23.21
C ILE A 430 -33.17 20.16 23.77
N THR A 431 -32.88 18.90 23.46
CA THR A 431 -33.72 17.78 23.86
C THR A 431 -32.97 16.86 24.80
N GLY A 432 -33.64 16.49 25.89
CA GLY A 432 -33.12 15.52 26.83
C GLY A 432 -33.92 14.23 26.73
N THR A 433 -33.41 13.18 27.37
CA THR A 433 -34.08 11.89 27.36
C THR A 433 -33.95 11.25 28.72
N VAL A 434 -35.09 10.79 29.25
CA VAL A 434 -35.11 10.12 30.54
C VAL A 434 -35.52 8.66 30.35
N LEU A 435 -34.66 7.76 30.80
CA LEU A 435 -34.98 6.34 30.82
C LEU A 435 -35.57 5.97 32.17
N ILE A 436 -36.87 5.71 32.18
CA ILE A 436 -37.56 5.29 33.40
C ILE A 436 -37.49 3.77 33.53
N ASN A 437 -36.59 3.29 34.38
CA ASN A 437 -36.47 1.85 34.62
C ASN A 437 -37.40 1.40 35.74
N VAL A 438 -38.39 0.58 35.39
CA VAL A 438 -39.40 0.14 36.34
C VAL A 438 -39.04 -1.20 36.97
N GLU A 439 -39.12 -1.26 38.29
CA GLU A 439 -38.92 -2.52 39.02
C GLU A 439 -40.16 -3.39 38.87
N ASP A 440 -40.00 -4.57 38.26
CA ASP A 440 -41.12 -5.48 38.08
C ASP A 440 -41.41 -6.26 39.37
N ILE A 441 -42.62 -6.10 39.87
CA ILE A 441 -43.08 -6.85 41.03
C ILE A 441 -44.11 -7.88 40.57
N ASN A 442 -44.23 -8.97 41.33
CA ASN A 442 -45.12 -10.06 40.95
C ASN A 442 -46.58 -9.73 41.23
N ASP A 443 -47.20 -8.99 40.29
CA ASP A 443 -48.55 -8.50 40.47
C ASP A 443 -49.50 -9.01 39.38
N ASN A 444 -49.15 -10.12 38.75
CA ASN A 444 -50.01 -10.74 37.75
C ASN A 444 -49.94 -12.26 37.84
N CYS A 445 -51.11 -12.91 37.77
CA CYS A 445 -51.21 -14.36 37.88
C CYS A 445 -51.59 -14.98 36.54
N PRO A 446 -51.20 -16.25 36.32
CA PRO A 446 -51.50 -16.93 35.06
C PRO A 446 -52.99 -17.20 34.86
N THR A 447 -53.57 -16.58 33.83
CA THR A 447 -54.98 -16.77 33.49
C THR A 447 -55.09 -17.38 32.09
N LEU A 448 -56.18 -18.13 31.86
CA LEU A 448 -56.39 -18.74 30.55
C LEU A 448 -56.71 -17.69 29.51
N ILE A 449 -56.50 -18.03 28.24
CA ILE A 449 -56.85 -17.14 27.12
C ILE A 449 -58.13 -17.63 26.47
N GLU A 450 -58.32 -18.94 26.40
CA GLU A 450 -59.54 -19.53 25.88
C GLU A 450 -60.18 -20.46 26.92
N PRO A 451 -60.82 -19.88 27.94
CA PRO A 451 -61.49 -20.65 29.00
C PRO A 451 -62.79 -21.27 28.52
N VAL A 452 -63.42 -20.64 27.52
CA VAL A 452 -64.56 -21.23 26.83
C VAL A 452 -64.16 -21.52 25.39
N GLN A 453 -64.14 -22.81 25.05
CA GLN A 453 -63.85 -23.21 23.68
C GLN A 453 -64.51 -24.54 23.41
N THR A 454 -64.77 -24.84 22.15
CA THR A 454 -65.51 -26.02 21.75
C THR A 454 -64.73 -26.81 20.71
N ILE A 455 -64.47 -28.08 21.01
CA ILE A 455 -63.68 -28.93 20.12
C ILE A 455 -64.57 -29.93 19.38
N CYS A 456 -63.94 -30.74 18.54
CA CYS A 456 -64.64 -31.75 17.76
C CYS A 456 -64.66 -33.09 18.49
N HIS A 457 -65.42 -34.05 17.95
CA HIS A 457 -65.50 -35.38 18.54
C HIS A 457 -64.27 -36.20 18.16
N ASP A 458 -63.66 -35.87 17.03
CA ASP A 458 -62.48 -36.59 16.56
C ASP A 458 -61.17 -35.93 17.02
N ALA A 459 -61.29 -34.83 17.77
CA ALA A 459 -60.11 -34.13 18.28
C ALA A 459 -59.26 -35.06 19.14
N GLU A 460 -57.95 -34.93 18.99
CA GLU A 460 -57.00 -35.80 19.68
C GLU A 460 -56.71 -35.29 21.08
N TYR A 461 -56.52 -33.98 21.20
CA TYR A 461 -56.19 -33.35 22.47
C TYR A 461 -56.82 -31.96 22.56
N VAL A 462 -56.58 -31.28 23.67
CA VAL A 462 -57.04 -29.90 23.87
C VAL A 462 -55.88 -28.99 24.23
N ASN A 463 -55.92 -27.75 23.74
CA ASN A 463 -54.84 -26.81 24.00
C ASN A 463 -55.29 -25.66 24.91
N VAL A 464 -55.04 -25.81 26.20
CA VAL A 464 -55.26 -24.73 27.16
C VAL A 464 -53.97 -23.91 27.24
N THR A 465 -54.10 -22.59 27.24
CA THR A 465 -52.94 -21.70 27.28
C THR A 465 -53.12 -20.58 28.29
N ALA A 466 -52.10 -20.39 29.12
CA ALA A 466 -52.16 -19.40 30.18
C ALA A 466 -51.42 -18.11 29.79
N GLU A 467 -51.43 -17.12 30.68
CA GLU A 467 -50.88 -15.80 30.37
C GLU A 467 -50.50 -15.03 31.63
N ASP A 468 -49.22 -15.05 32.00
CA ASP A 468 -48.71 -14.22 33.09
C ASP A 468 -47.93 -13.07 32.48
N LEU A 469 -48.50 -11.88 32.56
CA LEU A 469 -47.96 -10.71 31.86
C LEU A 469 -46.64 -10.21 32.45
N ASP A 470 -46.29 -10.68 33.65
CA ASP A 470 -45.04 -10.26 34.29
C ASP A 470 -43.85 -10.74 33.48
N GLY A 471 -42.74 -10.02 33.60
CA GLY A 471 -41.49 -10.42 32.99
C GLY A 471 -40.74 -11.35 33.93
N HIS A 472 -39.92 -12.22 33.36
CA HIS A 472 -39.09 -13.16 34.12
C HIS A 472 -38.42 -12.47 35.32
N PRO A 473 -38.33 -13.16 36.47
CA PRO A 473 -38.71 -14.53 36.83
C PRO A 473 -40.11 -14.64 37.42
N ASN A 474 -40.90 -13.57 37.31
CA ASN A 474 -42.23 -13.55 37.91
C ASN A 474 -43.28 -14.04 36.92
N SER A 475 -42.85 -14.81 35.93
CA SER A 475 -43.75 -15.54 35.06
C SER A 475 -43.18 -16.94 34.85
N GLY A 476 -42.02 -16.99 34.17
CA GLY A 476 -41.29 -18.23 33.99
C GLY A 476 -42.15 -19.36 33.48
N PRO A 477 -41.76 -20.61 33.81
CA PRO A 477 -42.59 -21.78 33.47
C PRO A 477 -43.72 -21.97 34.47
N PHE A 478 -44.89 -22.40 33.99
CA PHE A 478 -46.04 -22.62 34.87
C PHE A 478 -46.10 -24.07 35.35
N SER A 479 -46.72 -24.27 36.51
CA SER A 479 -46.99 -25.61 37.00
C SER A 479 -48.49 -25.87 36.97
N PHE A 480 -48.92 -26.67 36.00
CA PHE A 480 -50.34 -26.97 35.81
C PHE A 480 -50.78 -28.09 36.74
N SER A 481 -52.00 -27.95 37.27
CA SER A 481 -52.55 -28.97 38.17
C SER A 481 -54.06 -29.08 37.99
N VAL A 482 -54.49 -30.14 37.31
CA VAL A 482 -55.92 -30.42 37.16
C VAL A 482 -56.44 -31.00 38.46
N ILE A 483 -57.44 -30.35 39.06
CA ILE A 483 -57.91 -30.76 40.38
C ILE A 483 -59.17 -31.62 40.30
N ASP A 484 -59.35 -32.45 41.33
CA ASP A 484 -60.43 -33.44 41.34
C ASP A 484 -61.76 -32.84 41.79
N LYS A 485 -62.33 -31.97 40.96
CA LYS A 485 -63.63 -31.37 41.26
C LYS A 485 -64.40 -31.12 39.95
N PRO A 486 -65.46 -31.91 39.69
CA PRO A 486 -66.02 -32.98 40.51
C PRO A 486 -65.08 -34.18 40.66
N PRO A 487 -65.30 -35.03 41.68
CA PRO A 487 -64.44 -36.18 41.93
C PRO A 487 -64.38 -37.17 40.76
N GLY A 488 -63.21 -37.78 40.55
CA GLY A 488 -63.02 -38.71 39.46
C GLY A 488 -62.55 -38.03 38.19
N MET A 489 -62.81 -36.73 38.08
CA MET A 489 -62.50 -35.97 36.88
C MET A 489 -60.99 -35.79 36.70
N ALA A 490 -60.24 -35.98 37.78
CA ALA A 490 -58.78 -35.95 37.70
C ALA A 490 -58.27 -37.09 36.83
N GLU A 491 -59.07 -38.15 36.75
CA GLU A 491 -58.74 -39.34 35.98
C GLU A 491 -59.34 -39.28 34.58
N LYS A 492 -60.52 -38.66 34.46
CA LYS A 492 -61.19 -38.53 33.17
C LYS A 492 -60.39 -37.64 32.23
N TRP A 493 -59.82 -36.57 32.78
CA TRP A 493 -59.03 -35.62 32.01
C TRP A 493 -57.58 -35.59 32.49
N LYS A 494 -56.67 -36.00 31.61
CA LYS A 494 -55.25 -36.12 31.95
C LYS A 494 -54.39 -35.12 31.17
N ILE A 495 -53.23 -34.82 31.74
CA ILE A 495 -52.21 -34.01 31.08
C ILE A 495 -51.29 -34.91 30.26
N ALA A 496 -51.08 -34.57 29.00
CA ALA A 496 -50.22 -35.36 28.11
C ALA A 496 -48.79 -34.83 28.12
N ARG A 497 -48.59 -33.66 27.51
CA ARG A 497 -47.30 -32.97 27.58
C ARG A 497 -47.53 -31.51 27.91
N GLN A 498 -46.60 -30.92 28.65
CA GLN A 498 -46.70 -29.50 29.01
C GLN A 498 -45.46 -28.72 28.60
N GLU A 499 -45.68 -27.46 28.25
CA GLU A 499 -44.59 -26.55 27.93
C GLU A 499 -44.49 -25.48 29.02
N SER A 500 -43.80 -24.40 28.73
CA SER A 500 -43.58 -23.35 29.71
C SER A 500 -44.88 -22.62 30.05
N THR A 501 -45.69 -22.36 29.02
CA THR A 501 -46.85 -21.49 29.16
C THR A 501 -48.15 -22.14 28.69
N SER A 502 -48.12 -23.44 28.42
CA SER A 502 -49.30 -24.14 27.95
C SER A 502 -49.23 -25.62 28.27
N VAL A 503 -50.32 -26.33 28.05
CA VAL A 503 -50.34 -27.77 28.26
C VAL A 503 -51.37 -28.45 27.36
N LEU A 504 -51.06 -29.67 26.97
CA LEU A 504 -51.88 -30.46 26.06
C LEU A 504 -52.67 -31.50 26.87
N LEU A 505 -53.99 -31.48 26.70
CA LEU A 505 -54.89 -32.20 27.60
C LEU A 505 -55.80 -33.18 26.86
N GLN A 506 -55.86 -34.41 27.35
CA GLN A 506 -56.64 -35.48 26.71
C GLN A 506 -57.61 -36.12 27.68
N GLN A 507 -58.86 -36.27 27.24
CA GLN A 507 -59.87 -36.95 28.04
C GLN A 507 -59.83 -38.44 27.71
N SER A 508 -59.89 -39.28 28.74
CA SER A 508 -59.71 -40.72 28.59
C SER A 508 -60.97 -41.42 28.09
N GLU A 509 -62.09 -41.17 28.75
CA GLU A 509 -63.35 -41.82 28.43
C GLU A 509 -63.86 -41.46 27.04
N LYS A 510 -63.64 -40.21 26.65
CA LYS A 510 -64.09 -39.67 25.36
C LYS A 510 -65.61 -39.65 25.26
N LYS A 511 -66.25 -38.96 26.20
CA LYS A 511 -67.68 -38.74 26.15
C LYS A 511 -67.98 -37.44 25.41
N LEU A 512 -69.16 -37.35 24.82
CA LEU A 512 -69.55 -36.18 24.03
C LEU A 512 -70.45 -35.25 24.85
N GLY A 513 -69.91 -34.11 25.26
CA GLY A 513 -70.65 -33.14 26.06
C GLY A 513 -69.74 -32.18 26.78
N ARG A 514 -70.31 -31.20 27.46
CA ARG A 514 -69.53 -30.16 28.12
C ARG A 514 -68.99 -30.64 29.47
N SER A 515 -67.82 -30.13 29.84
CA SER A 515 -67.18 -30.44 31.11
C SER A 515 -66.47 -29.20 31.65
N GLU A 516 -66.65 -28.93 32.94
CA GLU A 516 -65.95 -27.83 33.59
C GLU A 516 -64.73 -28.34 34.34
N ILE A 517 -63.56 -28.07 33.78
CA ILE A 517 -62.30 -28.59 34.28
C ILE A 517 -61.55 -27.52 35.07
N GLN A 518 -61.47 -27.70 36.39
CA GLN A 518 -60.80 -26.72 37.23
C GLN A 518 -59.31 -27.00 37.32
N PHE A 519 -58.51 -25.96 37.11
CA PHE A 519 -57.07 -26.01 37.24
C PHE A 519 -56.59 -25.17 38.42
N LEU A 520 -55.34 -25.39 38.79
CA LEU A 520 -54.61 -24.42 39.62
C LEU A 520 -53.30 -24.12 38.92
N ILE A 521 -53.28 -23.02 38.18
CA ILE A 521 -52.09 -22.60 37.46
C ILE A 521 -51.23 -21.71 38.35
N SER A 522 -49.97 -22.10 38.55
CA SER A 522 -49.11 -21.38 39.48
C SER A 522 -47.90 -20.73 38.77
N ASP A 523 -47.54 -19.55 39.27
CA ASP A 523 -46.39 -18.77 38.82
C ASP A 523 -45.10 -19.57 38.91
N ASN A 524 -44.01 -18.98 38.46
CA ASN A 524 -42.67 -19.52 38.72
C ASN A 524 -42.28 -19.22 40.16
N GLN A 525 -42.96 -18.24 40.74
CA GLN A 525 -42.80 -17.90 42.16
C GLN A 525 -43.81 -18.65 43.04
N GLY A 526 -44.74 -19.35 42.39
CA GLY A 526 -45.73 -20.14 43.10
C GLY A 526 -47.09 -19.48 43.15
N PHE A 527 -47.13 -18.19 42.81
CA PHE A 527 -48.36 -17.42 42.84
C PHE A 527 -49.42 -18.01 41.92
N SER A 528 -50.68 -17.77 42.24
CA SER A 528 -51.78 -18.31 41.45
C SER A 528 -53.01 -17.45 41.64
N CYS A 529 -53.81 -17.30 40.60
CA CYS A 529 -54.96 -16.41 40.65
C CYS A 529 -55.89 -16.77 41.79
N PRO A 530 -56.51 -15.77 42.43
CA PRO A 530 -57.59 -16.04 43.39
C PRO A 530 -58.78 -16.69 42.69
N GLU A 531 -59.09 -16.22 41.50
CA GLU A 531 -60.16 -16.79 40.69
C GLU A 531 -59.88 -18.24 40.38
N LYS A 532 -60.92 -19.07 40.36
CA LYS A 532 -60.78 -20.44 39.90
C LYS A 532 -60.53 -20.43 38.40
N GLN A 533 -59.37 -20.92 37.98
CA GLN A 533 -59.11 -21.08 36.56
C GLN A 533 -59.83 -22.31 36.07
N VAL A 534 -60.99 -22.09 35.44
CA VAL A 534 -61.85 -23.17 34.99
C VAL A 534 -61.98 -23.17 33.47
N LEU A 535 -61.90 -24.35 32.88
CA LEU A 535 -62.07 -24.53 31.44
C LEU A 535 -63.43 -25.14 31.13
N THR A 536 -64.30 -24.35 30.52
CA THR A 536 -65.61 -24.84 30.09
C THR A 536 -65.50 -25.36 28.67
N LEU A 537 -65.36 -26.67 28.53
CA LEU A 537 -65.03 -27.31 27.26
C LEU A 537 -66.17 -28.17 26.73
N THR A 538 -66.75 -27.76 25.60
CA THR A 538 -67.86 -28.49 24.99
C THR A 538 -67.40 -29.33 23.80
N VAL A 539 -67.72 -30.62 23.84
CA VAL A 539 -67.41 -31.55 22.75
C VAL A 539 -68.67 -31.82 21.92
N CYS A 540 -68.72 -31.30 20.71
CA CYS A 540 -69.84 -31.56 19.80
C CYS A 540 -69.44 -32.62 18.78
N GLU A 541 -70.39 -33.00 17.92
CA GLU A 541 -70.13 -33.94 16.84
C GLU A 541 -69.81 -33.17 15.55
N CYS A 542 -68.59 -33.33 15.06
CA CYS A 542 -68.17 -32.61 13.87
C CYS A 542 -68.39 -33.38 12.57
N LEU A 543 -69.24 -32.82 11.72
CA LEU A 543 -69.40 -33.29 10.36
C LEU A 543 -68.29 -32.70 9.53
N HIS A 544 -67.81 -33.44 8.54
CA HIS A 544 -66.67 -33.03 7.74
C HIS A 544 -66.82 -31.62 7.16
N GLY A 545 -66.03 -30.69 7.69
CA GLY A 545 -66.06 -29.31 7.24
C GLY A 545 -67.33 -28.56 7.60
N SER A 546 -68.14 -29.14 8.50
CA SER A 546 -69.46 -28.60 8.79
C SER A 546 -69.59 -28.03 10.20
N GLY A 547 -68.49 -27.91 10.93
CA GLY A 547 -68.55 -27.56 12.33
C GLY A 547 -69.40 -28.60 13.04
N CYS A 548 -70.43 -28.16 13.75
CA CYS A 548 -71.31 -29.08 14.48
C CYS A 548 -72.60 -29.31 13.70
N ARG A 549 -73.27 -30.42 14.01
CA ARG A 549 -74.58 -30.69 13.41
C ARG A 549 -75.62 -29.78 14.02
N GLU A 550 -75.90 -28.68 13.33
CA GLU A 550 -76.95 -27.77 13.74
C GLU A 550 -78.30 -28.41 13.47
N ALA A 551 -78.81 -29.15 14.46
CA ALA A 551 -80.10 -29.81 14.36
C ALA A 551 -80.12 -30.84 13.23
N HIS A 552 -81.32 -31.38 12.97
CA HIS A 552 -81.51 -32.41 11.95
C HIS A 552 -81.24 -31.86 10.55
C1 NAG B . 74.76 -29.41 -68.07
C2 NAG B . 74.02 -30.04 -66.89
C3 NAG B . 74.91 -31.02 -66.16
C4 NAG B . 75.56 -32.03 -67.12
C5 NAG B . 76.14 -31.34 -68.36
C6 NAG B . 76.51 -32.30 -69.46
C7 NAG B . 72.44 -29.14 -65.22
C8 NAG B . 72.12 -28.01 -64.31
N2 NAG B . 73.54 -29.01 -65.97
O3 NAG B . 74.16 -31.73 -65.18
O4 NAG B . 76.64 -32.64 -66.42
O5 NAG B . 75.19 -30.43 -68.93
O6 NAG B . 77.14 -33.47 -68.98
O7 NAG B . 71.73 -30.15 -65.30
H1 NAG B . 75.53 -28.92 -67.73
H2 NAG B . 73.24 -30.52 -67.23
H3 NAG B . 75.62 -30.53 -65.70
H4 NAG B . 74.90 -32.70 -67.38
H5 NAG B . 76.94 -30.83 -68.10
H61 NAG B . 75.70 -32.56 -69.94
H62 NAG B . 77.12 -31.85 -70.08
H81 NAG B . 72.00 -27.19 -64.84
H82 NAG B . 71.30 -28.20 -63.82
H83 NAG B . 72.85 -27.88 -63.68
HN2 NAG B . 74.04 -28.26 -65.86
HO3 NAG B . 74.66 -31.88 -64.46
HO4 NAG B . 77.24 -32.03 -66.22
HO6 NAG B . 77.06 -34.12 -69.57
C1 NAG B . 76.56 -34.06 -66.17
C2 NAG B . 77.99 -34.51 -65.91
C3 NAG B . 78.04 -36.00 -65.62
C4 NAG B . 77.13 -36.33 -64.45
C5 NAG B . 75.72 -35.83 -64.75
C6 NAG B . 74.77 -36.01 -63.58
C7 NAG B . 79.55 -33.02 -67.11
C8 NAG B . 80.40 -32.84 -68.33
N2 NAG B . 78.86 -34.17 -67.03
O3 NAG B . 79.38 -36.38 -65.31
O4 NAG B . 77.11 -37.74 -64.23
O5 NAG B . 75.74 -34.43 -65.05
O6 NAG B . 73.42 -36.11 -64.02
O7 NAG B . 79.47 -32.16 -66.24
H1 NAG B . 76.22 -34.51 -66.96
H2 NAG B . 78.31 -34.03 -65.12
H3 NAG B . 77.75 -36.48 -66.41
H4 NAG B . 77.46 -35.89 -63.65
H5 NAG B . 75.36 -36.32 -65.53
H61 NAG B . 75.01 -36.82 -63.10
H62 NAG B . 74.85 -35.24 -62.99
H81 NAG B . 81.06 -33.54 -68.37
H82 NAG B . 79.83 -32.87 -69.12
H83 NAG B . 80.84 -31.97 -68.28
HN2 NAG B . 78.96 -34.77 -67.71
HO3 NAG B . 79.68 -36.94 -65.92
HO4 NAG B . 76.54 -38.12 -64.79
HO6 NAG B . 72.87 -35.96 -63.34
C1 BMA B . 78.01 -38.18 -63.18
C2 BMA B . 77.32 -39.40 -62.48
C3 BMA B . 78.26 -40.05 -61.45
C4 BMA B . 79.69 -40.26 -62.03
C5 BMA B . 80.24 -38.94 -62.67
C6 BMA B . 81.66 -39.08 -63.29
O2 BMA B . 77.01 -40.39 -63.44
O3 BMA B . 77.74 -41.33 -60.93
O4 BMA B . 80.58 -40.69 -61.00
O5 BMA B . 79.30 -38.52 -63.68
O6 BMA B . 81.57 -38.76 -64.69
H1 BMA B . 78.11 -37.37 -62.44
H2 BMA B . 76.41 -39.05 -61.99
H3 BMA B . 78.35 -39.40 -60.57
H4 BMA B . 79.63 -41.01 -62.83
H5 BMA B . 80.30 -38.17 -61.88
H61 BMA B . 82.01 -40.10 -63.13
H62 BMA B . 82.32 -38.39 -62.76
HO2 BMA B . 76.25 -40.06 -63.94
HO3 BMA B . 78.39 -42.00 -61.19
HO4 BMA B . 80.55 -41.65 -61.03
HO6 BMA B . 80.64 -38.76 -64.94
C1 MAN B . 82.85 -38.55 -65.37
C2 MAN B . 82.49 -38.12 -66.80
C3 MAN B . 81.88 -39.35 -67.46
C4 MAN B . 82.96 -40.44 -67.64
C5 MAN B . 83.39 -40.88 -66.20
C6 MAN B . 84.59 -41.82 -66.17
O2 MAN B . 83.64 -37.76 -67.57
O3 MAN B . 81.04 -39.05 -68.59
O4 MAN B . 82.44 -41.55 -68.33
O5 MAN B . 83.73 -39.70 -65.35
O6 MAN B . 85.69 -41.12 -65.61
H1 MAN B . 83.42 -37.76 -64.85
H2 MAN B . 81.76 -37.31 -66.77
H3 MAN B . 81.18 -39.77 -66.73
H4 MAN B . 83.84 -40.02 -68.16
H5 MAN B . 82.54 -41.41 -65.75
H61 MAN B . 84.32 -42.71 -65.58
H62 MAN B . 84.78 -42.14 -67.21
HO2 MAN B . 84.15 -37.10 -67.08
HO3 MAN B . 80.16 -38.89 -68.22
HO4 MAN B . 82.49 -42.29 -67.71
HO6 MAN B . 85.45 -40.87 -64.71
C1 NAG B . 81.50 -38.59 -69.88
C2 NAG B . 80.19 -38.63 -70.65
C3 NAG B . 80.45 -38.29 -72.11
C4 NAG B . 81.11 -36.91 -72.20
C5 NAG B . 82.35 -36.84 -71.29
C6 NAG B . 82.90 -35.44 -71.16
C7 NAG B . 78.58 -40.14 -69.60
C8 NAG B . 78.03 -41.52 -69.57
N2 NAG B . 79.53 -39.91 -70.51
O3 NAG B . 79.21 -38.27 -72.81
O4 NAG B . 81.51 -36.69 -73.55
O5 NAG B . 82.06 -37.29 -69.96
O6 NAG B . 83.51 -35.23 -69.90
O7 NAG B . 78.21 -39.28 -68.81
H1 NAG B . 82.11 -39.25 -70.26
H2 NAG B . 79.61 -37.94 -70.28
H3 NAG B . 81.03 -38.96 -72.50
H4 NAG B . 80.47 -36.24 -71.93
H5 NAG B . 83.04 -37.41 -71.68
H61 NAG B . 82.16 -34.80 -71.27
H62 NAG B . 83.55 -35.28 -71.87
H81 NAG B . 77.36 -41.59 -68.87
H82 NAG B . 77.63 -41.74 -70.43
H83 NAG B . 78.75 -42.16 -69.38
HN2 NAG B . 79.79 -40.60 -71.07
HO3 NAG B . 79.34 -38.57 -73.64
HO4 NAG B . 82.10 -37.31 -73.80
HO6 NAG B . 83.45 -34.37 -69.68
C1 GAL B . 80.87 -35.58 -74.23
C2 GAL B . 81.93 -35.00 -75.15
C3 GAL B . 81.38 -33.84 -75.99
C4 GAL B . 80.16 -34.30 -76.78
C5 GAL B . 79.14 -34.92 -75.82
C6 GAL B . 77.96 -35.58 -76.55
O2 GAL B . 83.04 -34.50 -74.43
O3 GAL B . 82.35 -33.39 -76.93
O4 GAL B . 80.54 -35.23 -77.77
O5 GAL B . 79.73 -35.96 -74.98
O6 GAL B . 77.00 -36.05 -75.64
H1 GAL B . 80.59 -34.83 -73.47
H2 GAL B . 82.23 -35.80 -75.85
H3 GAL B . 81.10 -33.02 -75.30
H4 GAL B . 79.69 -33.41 -77.23
H5 GAL B . 78.76 -34.12 -75.17
H61 GAL B . 78.32 -36.45 -77.12
H62 GAL B . 77.55 -34.85 -77.26
HO2 GAL B . 83.57 -35.27 -74.16
HO3 GAL B . 83.07 -33.00 -76.42
HO4 GAL B . 81.10 -34.75 -78.39
HO6 GAL B . 76.14 -35.74 -75.96
C1 MAN B . 76.48 -41.24 -60.21
C2 MAN B . 76.34 -42.47 -59.25
C3 MAN B . 76.30 -43.73 -60.10
C4 MAN B . 75.12 -43.68 -61.09
C5 MAN B . 75.18 -42.38 -61.95
C6 MAN B . 73.90 -42.13 -62.73
O2 MAN B . 75.07 -42.49 -58.54
O3 MAN B . 76.23 -44.91 -59.31
O4 MAN B . 75.15 -44.80 -61.95
O5 MAN B . 75.39 -41.20 -61.10
O6 MAN B . 73.34 -43.39 -63.09
H1 MAN B . 76.42 -40.30 -59.65
H2 MAN B . 77.19 -42.50 -58.55
H3 MAN B . 77.23 -43.80 -60.68
H4 MAN B . 74.18 -43.65 -60.51
H5 MAN B . 76.00 -42.48 -62.66
H61 MAN B . 74.14 -41.53 -63.62
H62 MAN B . 73.21 -41.55 -62.09
HO2 MAN B . 74.37 -42.21 -59.14
HO3 MAN B . 75.80 -45.57 -59.87
HO4 MAN B . 74.32 -45.27 -61.78
HO6 MAN B . 72.58 -43.21 -63.68
C1 NAG B . 75.07 -42.14 -57.13
C2 NAG B . 75.35 -43.39 -56.29
C3 NAG B . 75.34 -43.04 -54.80
C4 NAG B . 76.29 -41.89 -54.51
C5 NAG B . 75.97 -40.70 -55.43
C6 NAG B . 76.94 -39.54 -55.26
C7 NAG B . 74.72 -45.71 -56.82
C8 NAG B . 73.59 -46.65 -57.09
N2 NAG B . 74.38 -44.44 -56.57
O3 NAG B . 75.73 -44.18 -54.04
O4 NAG B . 76.15 -41.48 -53.16
O5 NAG B . 76.05 -41.11 -56.80
O6 NAG B . 76.58 -38.46 -56.11
O7 NAG B . 75.89 -46.08 -56.82
H1 NAG B . 74.19 -41.80 -56.89
H2 NAG B . 76.25 -43.71 -56.51
H3 NAG B . 74.44 -42.79 -54.54
H4 NAG B . 77.21 -42.18 -54.68
H5 NAG B . 75.07 -40.39 -55.24
H61 NAG B . 77.84 -39.85 -55.49
H62 NAG B . 76.92 -39.25 -54.34
H81 NAG B . 73.09 -46.35 -57.88
H82 NAG B . 72.99 -46.67 -56.32
H83 NAG B . 73.94 -47.55 -57.25
HN2 NAG B . 73.50 -44.22 -56.58
HO3 NAG B . 75.59 -44.01 -53.18
HO4 NAG B . 76.87 -41.00 -52.92
HO6 NAG B . 76.68 -37.70 -55.66
C1 NAG C . -51.40 -23.88 21.95
C2 NAG C . -50.02 -24.55 21.76
C3 NAG C . -48.92 -23.52 21.96
C4 NAG C . -49.16 -22.28 21.10
C5 NAG C . -50.58 -21.75 21.28
C6 NAG C . -50.93 -20.63 20.33
C7 NAG C . -48.89 -26.61 22.50
C8 NAG C . -48.84 -27.67 23.56
N2 NAG C . -49.84 -25.66 22.68
O3 NAG C . -47.65 -24.08 21.63
O4 NAG C . -48.23 -21.26 21.45
O5 NAG C . -51.53 -22.80 21.05
O6 NAG C . -52.00 -21.00 19.47
O7 NAG C . -48.13 -26.59 21.55
H1 NAG C . -51.47 -23.55 22.88
H2 NAG C . -49.97 -24.89 20.85
H3 NAG C . -48.90 -23.24 22.89
H4 NAG C . -49.03 -22.51 20.16
H5 NAG C . -50.68 -21.43 22.20
H61 NAG C . -51.19 -19.83 20.84
H62 NAG C . -50.15 -20.40 19.79
H81 NAG C . -49.69 -28.14 23.60
H82 NAG C . -48.13 -28.31 23.35
H83 NAG C . -48.66 -27.26 24.43
HN2 NAG C . -50.37 -25.72 23.40
HO3 NAG C . -47.07 -23.89 22.28
HO4 NAG C . -48.31 -21.07 22.31
HO6 NAG C . -52.72 -21.16 19.95
C1 NAG C . -47.47 -20.87 20.28
C2 NAG C . -46.55 -19.71 20.64
C3 NAG C . -45.75 -19.29 19.42
C4 NAG C . -45.02 -20.47 18.82
C5 NAG C . -45.95 -21.67 18.61
C6 NAG C . -45.21 -22.93 18.25
C7 NAG C . -48.21 -17.89 20.57
C8 NAG C . -48.83 -16.76 21.34
N2 NAG C . -47.27 -18.58 21.21
O3 NAG C . -44.84 -18.27 19.79
O4 NAG C . -44.48 -20.12 17.55
O5 NAG C . -46.68 -21.97 19.81
O6 NAG C . -45.06 -23.79 19.37
O7 NAG C . -48.54 -18.15 19.42
H1 NAG C . -48.08 -20.58 19.58
H2 NAG C . -45.91 -20.04 21.31
H3 NAG C . -46.37 -18.93 18.75
H4 NAG C . -44.29 -20.73 19.42
H5 NAG C . -46.58 -21.46 17.90
H61 NAG C . -44.33 -22.70 17.90
H62 NAG C . -45.71 -23.41 17.54
H81 NAG C . -49.27 -17.12 22.14
H82 NAG C . -48.15 -16.12 21.60
H83 NAG C . -49.50 -16.31 20.77
HN2 NAG C . -47.07 -18.34 22.07
HO3 NAG C . -45.24 -17.48 19.80
HO4 NAG C . -45.05 -20.38 16.91
HO6 NAG C . -45.82 -23.83 19.81
C1 BMA C . -43.21 -19.45 17.61
C2 BMA C . -42.29 -20.12 16.56
C3 BMA C . -41.10 -19.18 16.08
C4 BMA C . -41.28 -17.64 16.33
C5 BMA C . -42.21 -17.34 17.52
C6 BMA C . -42.61 -15.86 17.61
O2 BMA C . -43.07 -20.52 15.44
O3 BMA C . -40.67 -19.43 14.69
O4 BMA C . -40.00 -17.06 16.58
O5 BMA C . -43.39 -18.09 17.35
O6 BMA C . -43.92 -15.81 18.18
H1 BMA C . -42.77 -19.57 18.62
H2 BMA C . -41.86 -21.02 17.04
H3 BMA C . -40.21 -19.46 16.67
H4 BMA C . -41.74 -17.20 15.43
H5 BMA C . -41.71 -17.61 18.46
H61 BMA C . -42.58 -15.43 16.61
H62 BMA C . -41.87 -15.35 18.23
HO2 BMA C . -43.59 -21.29 15.74
HO3 BMA C . -39.76 -19.74 14.75
HO4 BMA C . -39.45 -17.33 15.83
HO6 BMA C . -44.32 -16.68 18.09
C1 MAN C . -41.60 -19.17 13.58
C2 MAN C . -40.92 -18.06 12.66
C3 MAN C . -41.68 -16.75 12.63
C4 MAN C . -43.17 -16.99 12.49
C5 MAN C . -43.68 -17.62 13.77
C6 MAN C . -45.16 -17.95 13.72
O2 MAN C . -40.87 -18.49 11.29
O3 MAN C . -41.23 -15.91 11.57
O4 MAN C . -43.84 -15.76 12.27
O5 MAN C . -42.98 -18.88 14.05
O6 MAN C . -45.59 -18.27 15.04
H1 MAN C . -41.72 -20.10 12.99
H2 MAN C . -39.91 -17.87 13.04
H3 MAN C . -41.50 -16.20 13.56
H4 MAN C . -43.34 -17.70 11.65
H5 MAN C . -43.52 -16.92 14.60
H61 MAN C . -45.70 -17.08 13.31
H62 MAN C . -45.30 -18.79 13.03
HO2 MAN C . -39.98 -18.78 11.09
HO3 MAN C . -40.92 -15.09 12.00
HO4 MAN C . -44.59 -15.97 11.70
HO6 MAN C . -46.12 -19.09 14.98
C1 MAN C . -44.22 -14.47 18.65
C2 MAN C . -45.77 -14.40 18.98
C3 MAN C . -46.63 -14.15 17.72
C4 MAN C . -46.00 -13.07 16.81
C5 MAN C . -44.57 -13.48 16.48
C6 MAN C . -43.86 -12.54 15.52
O2 MAN C . -46.07 -13.34 19.88
O3 MAN C . -47.96 -13.78 18.07
O4 MAN C . -46.76 -12.94 15.63
O5 MAN C . -43.81 -13.51 17.70
O6 MAN C . -42.67 -13.19 15.06
H1 MAN C . -43.63 -14.25 19.55
H2 MAN C . -46.07 -15.37 19.42
H3 MAN C . -46.70 -15.07 17.15
H4 MAN C . -45.96 -12.12 17.38
H5 MAN C . -44.58 -14.49 16.03
H61 MAN C . -44.54 -12.31 14.69
H62 MAN C . -43.64 -11.61 16.06
HO2 MAN C . -46.31 -13.72 20.75
HO3 MAN C . -48.53 -14.34 17.52
HO4 MAN C . -46.82 -11.99 15.47
HO6 MAN C . -42.10 -12.51 14.67
C1 FUC C . -51.57 -20.97 18.09
C2 FUC C . -52.78 -21.44 17.23
C3 FUC C . -52.71 -20.89 15.79
C4 FUC C . -51.25 -20.61 15.38
C5 FUC C . -50.66 -19.54 16.32
C6 FUC C . -49.13 -19.57 16.38
O2 FUC C . -54.02 -21.10 17.83
O3 FUC C . -53.24 -21.84 14.87
O4 FUC C . -50.49 -21.81 15.43
O5 FUC C . -51.13 -19.67 17.70
H1 FUC C . -50.71 -21.63 17.95
H2 FUC C . -52.74 -22.53 17.16
H3 FUC C . -53.28 -19.95 15.74
H4 FUC C . -51.25 -20.18 14.36
H5 FUC C . -50.99 -18.56 15.94
H61 FUC C . -48.79 -20.55 16.74
H62 FUC C . -48.71 -19.37 15.39
H63 FUC C . -48.77 -18.80 17.07
HO2 FUC C . -54.64 -21.79 17.56
HO3 FUC C . -53.56 -21.32 14.11
HO4 FUC C . -49.78 -21.67 14.78
C1 NAG D . 5.07 5.76 6.59
C2 NAG D . 5.79 4.45 6.96
C3 NAG D . 4.81 3.27 7.00
C4 NAG D . 3.58 3.60 7.83
C5 NAG D . 2.97 4.89 7.29
C6 NAG D . 1.69 5.29 7.98
C7 NAG D . 8.14 4.01 6.36
C8 NAG D . 9.08 3.72 5.23
N2 NAG D . 6.86 4.19 6.02
O3 NAG D . 5.45 2.10 7.50
O4 NAG D . 2.64 2.54 7.75
O5 NAG D . 3.93 5.95 7.46
O6 NAG D . 1.59 4.79 9.30
O7 NAG D . 8.54 4.07 7.52
H1 NAG D . 4.76 5.71 5.66
H2 NAG D . 6.17 4.56 7.86
H3 NAG D . 4.53 3.09 6.07
H4 NAG D . 3.85 3.74 8.75
H5 NAG D . 2.79 4.79 6.33
H61 NAG D . 0.92 4.98 7.45
H62 NAG D . 1.65 6.28 8.02
H81 NAG D . 9.07 4.46 4.60
H82 NAG D . 9.99 3.59 5.58
H83 NAG D . 8.80 2.89 4.78
HN2 NAG D . 6.64 4.11 5.14
HO3 NAG D . 6.03 1.80 6.90
HO4 NAG D . 2.43 2.39 6.90
HO6 NAG D . 1.25 5.41 9.83
C1 NAG D . 2.50 1.89 9.04
C2 NAG D . 1.15 1.20 9.01
C3 NAG D . 0.90 0.49 10.35
C4 NAG D . 2.05 -0.45 10.67
C5 NAG D . 3.38 0.30 10.63
C6 NAG D . 4.57 -0.61 10.85
C7 NAG D . -0.39 2.36 7.50
C8 NAG D . -1.48 3.37 7.38
N2 NAG D . 0.08 2.14 8.73
O3 NAG D . -0.33 -0.23 10.26
O4 NAG D . 1.86 -1.04 11.95
O5 NAG D . 3.55 0.93 9.35
O6 NAG D . 4.51 -1.76 10.02
O7 NAG D . 0.06 1.77 6.52
H1 NAG D . 2.49 2.58 9.73
H2 NAG D . 1.17 0.51 8.32
H3 NAG D . 0.83 1.16 11.06
H4 NAG D . 2.07 -1.17 10.00
H5 NAG D . 3.37 0.98 11.32
H61 NAG D . 4.60 -0.88 11.78
H62 NAG D . 5.38 -0.11 10.64
H81 NAG D . -2.25 3.08 7.92
H82 NAG D . -1.17 4.24 7.71
H83 NAG D . -1.75 3.46 6.45
HN2 NAG D . -0.28 2.60 9.43
HO3 NAG D . -0.36 -0.82 10.92
HO4 NAG D . 1.76 -1.92 11.87
HO6 NAG D . 5.21 -2.28 10.18
C1 MAN E . -36.64 25.22 19.55
C2 MAN E . -36.76 26.73 19.88
C3 MAN E . -38.21 27.07 20.05
C4 MAN E . -38.99 26.46 18.89
C5 MAN E . -38.98 24.92 19.01
C6 MAN E . -38.95 24.17 17.69
O2 MAN E . -36.27 27.52 18.79
O3 MAN E . -38.42 28.47 20.15
O4 MAN E . -40.33 26.93 18.90
O5 MAN E . -37.83 24.49 19.71
O6 MAN E . -39.67 24.94 16.76
H1 MAN E . -36.39 25.09 18.49
H2 MAN E . -36.20 26.94 20.81
H3 MAN E . -38.57 26.62 20.98
H4 MAN E . -38.49 26.73 17.94
H5 MAN E . -39.88 24.60 19.55
H61 MAN E . -39.40 23.18 17.83
H62 MAN E . -37.89 24.04 17.39
HO2 MAN E . -35.80 28.29 19.14
HO3 MAN E . -38.45 28.79 19.23
HO4 MAN E . -40.31 27.79 18.46
HO6 MAN E . -40.49 25.20 17.18
C1 MAN F . -34.59 17.87 20.51
C2 MAN F . -35.19 19.27 20.09
C3 MAN F . -35.99 19.27 18.76
C4 MAN F . -35.91 17.93 18.04
C5 MAN F . -36.20 16.86 19.04
C6 MAN F . -36.48 15.51 18.43
O2 MAN F . -34.13 20.22 19.87
O3 MAN F . -35.59 20.32 17.90
O4 MAN F . -36.86 17.89 16.98
O5 MAN F . -35.04 16.72 19.83
O6 MAN F . -36.13 14.53 19.40
H1 MAN F . -33.50 17.86 20.35
H2 MAN F . -35.83 19.62 20.90
H3 MAN F . -37.05 19.45 19.01
H4 MAN F . -34.89 17.80 17.66
H5 MAN F . -37.07 17.15 19.66
H61 MAN F . -35.88 15.40 17.51
H62 MAN F . -37.55 15.46 18.16
HO2 MAN F . -33.66 19.98 19.06
HO3 MAN F . -35.35 21.06 18.48
HO4 MAN F . -36.39 18.24 16.20
HO6 MAN F . -36.42 14.86 20.26
C1 MAN G . -32.71 11.18 24.08
C2 MAN G . -32.27 12.64 23.71
C3 MAN G . -32.42 13.00 22.23
C4 MAN G . -32.28 11.77 21.35
C5 MAN G . -33.39 10.82 21.74
C6 MAN G . -33.57 9.63 20.79
O2 MAN G . -30.87 12.84 24.00
O3 MAN G . -31.46 13.99 21.82
O4 MAN G . -32.39 12.15 19.98
O5 MAN G . -33.06 10.28 23.02
O6 MAN G . -34.92 9.21 20.86
H1 MAN G . -31.90 10.67 24.61
H2 MAN G . -32.87 13.34 24.30
H3 MAN G . -33.41 13.43 22.06
H4 MAN G . -31.30 11.29 21.56
H5 MAN G . -34.33 11.37 21.79
H61 MAN G . -32.87 8.83 21.09
H62 MAN G . -33.29 9.97 19.78
HO2 MAN G . -30.71 12.60 24.92
HO3 MAN G . -31.34 14.56 22.61
HO4 MAN G . -31.69 12.81 19.84
HO6 MAN G . -34.92 8.25 20.94
C1 NAG H . -33.36 -4.90 25.42
C2 NAG H . -31.91 -5.04 25.88
C3 NAG H . -30.98 -5.06 24.67
C4 NAG H . -31.43 -6.17 23.71
C5 NAG H . -32.93 -6.06 23.40
C6 NAG H . -33.42 -7.20 22.55
C7 NAG H . -31.15 -3.99 28.01
C8 NAG H . -31.00 -5.39 28.56
N2 NAG H . -31.57 -3.91 26.74
O3 NAG H . -29.64 -5.30 25.10
O4 NAG H . -30.73 -6.09 22.48
O5 NAG H . -33.71 -6.04 24.62
O6 NAG H . -32.96 -8.45 23.04
O7 NAG H . -30.89 -2.99 28.68
H1 NAG H . -33.45 -4.09 24.88
H2 NAG H . -31.81 -5.86 26.38
H3 NAG H . -31.03 -4.21 24.20
H4 NAG H . -31.25 -7.04 24.13
H5 NAG H . -33.08 -5.22 22.93
H61 NAG H . -33.09 -7.07 21.64
H62 NAG H . -34.39 -7.19 22.55
H81 NAG H . -30.69 -5.34 29.49
H82 NAG H . -31.86 -5.84 28.54
H83 NAG H . -30.34 -5.89 28.03
HN2 NAG H . -31.67 -3.07 26.39
HO3 NAG H . -29.11 -4.69 24.74
HO4 NAG H . -30.28 -6.84 22.35
HO6 NAG H . -33.20 -9.10 22.47
C1 NAG I . 34.37 -3.33 -29.24
C2 NAG I . 32.96 -3.65 -28.80
C3 NAG I . 32.46 -4.90 -29.48
C4 NAG I . 32.57 -4.73 -30.99
C5 NAG I . 33.98 -4.29 -31.39
C6 NAG I . 34.08 -3.91 -32.85
C7 NAG I . 31.93 -3.17 -26.62
C8 NAG I . 32.01 -3.40 -25.14
N2 NAG I . 32.88 -3.78 -27.35
O3 NAG I . 31.11 -5.11 -29.11
O4 NAG I . 32.26 -5.96 -31.64
O5 NAG I . 34.39 -3.13 -30.64
O6 NAG I . 32.95 -3.16 -33.27
O7 NAG I . 31.08 -2.45 -27.12
H1 NAG I . 34.95 -4.07 -29.01
H2 NAG I . 32.38 -2.90 -29.07
H3 NAG I . 32.99 -5.66 -29.20
H4 NAG I . 31.93 -4.05 -31.28
H5 NAG I . 34.60 -5.03 -31.22
H61 NAG I . 34.15 -4.72 -33.39
H62 NAG I . 34.89 -3.37 -32.98
H81 NAG I . 31.93 -4.35 -24.95
H82 NAG I . 32.87 -3.08 -24.81
H83 NAG I . 31.29 -2.92 -24.69
HN2 NAG I . 33.49 -4.30 -26.92
HO3 NAG I . 30.65 -5.43 -29.80
HO4 NAG I . 31.58 -5.83 -32.20
HO6 NAG I . 32.39 -3.68 -33.70
CA CA J . 46.90 1.96 -45.63
CA CA K . 48.12 -0.23 -41.93
CA CA L . 46.93 2.44 -35.66
CA CA M . 25.61 11.29 0.06
CA CA N . 21.72 10.49 -1.73
CA CA O . 15.61 10.91 2.62
CA CA P . -17.60 26.98 24.14
CA CA Q . -18.60 22.97 24.20
CA CA R . -45.54 -6.28 37.43
CA CA S . -49.11 -4.36 36.79
CA CA T . -46.61 -13.53 37.78
CL CL U . 20.23 7.29 24.55
CL CL V . -46.68 -29.62 36.45
#